data_7AL9
#
_entry.id   7AL9
#
_cell.length_a   66.939
_cell.length_b   98.123
_cell.length_c   67.455
_cell.angle_alpha   90
_cell.angle_beta   102.53
_cell.angle_gamma   90
#
_symmetry.space_group_name_H-M   'P 1 21 1'
#
loop_
_entity.id
_entity.type
_entity.pdbx_description
1 polymer 'GTP cyclohydrolase 1 feedback regulatory protein'
2 non-polymer 'POTASSIUM ION'
3 non-polymer PHENYLALANINE
4 water water
#
_entity_poly.entity_id   1
_entity_poly.type   'polypeptide(L)'
_entity_poly.pdbx_seq_one_letter_code
;GSHMPYLLISTQIRMEVGPTMVGDEQSDPELMQHLGASKRRALGNNFYEYYVDDPPRIVLDKLERRGFRVLSMTGVGQTL
VWCLHKE
;
_entity_poly.pdbx_strand_id   A,B,C,D,E,F,G,H,I,J
#
# COMPACT_ATOMS: atom_id res chain seq x y z
N PRO A 5 4.33 23.19 22.43
CA PRO A 5 3.52 21.99 22.31
C PRO A 5 3.25 21.56 20.87
N TYR A 6 3.28 20.28 20.66
CA TYR A 6 3.02 19.65 19.39
C TYR A 6 1.59 19.12 19.37
N LEU A 7 1.03 19.01 18.17
CA LEU A 7 -0.33 18.52 17.99
C LEU A 7 -0.42 17.67 16.74
N LEU A 8 -1.15 16.56 16.81
CA LEU A 8 -1.35 15.71 15.64
C LEU A 8 -2.85 15.62 15.36
N ILE A 9 -3.23 15.90 14.10
CA ILE A 9 -4.62 15.77 13.67
C ILE A 9 -4.67 14.88 12.42
N SER A 10 -5.81 14.23 12.15
CA SER A 10 -5.89 13.34 10.99
C SER A 10 -7.29 13.16 10.46
N THR A 11 -7.39 12.68 9.22
CA THR A 11 -8.68 12.31 8.64
C THR A 11 -8.45 11.06 7.77
N GLN A 12 -9.49 10.28 7.51
CA GLN A 12 -9.36 9.10 6.65
C GLN A 12 -10.16 9.21 5.37
N ILE A 13 -9.77 8.41 4.35
CA ILE A 13 -10.44 8.17 3.07
C ILE A 13 -10.56 9.39 2.15
N ARG A 14 -11.10 10.51 2.64
CA ARG A 14 -11.27 11.74 1.85
C ARG A 14 -10.86 12.93 2.70
N MET A 15 -10.16 13.89 2.10
CA MET A 15 -9.69 15.10 2.82
C MET A 15 -10.78 16.17 2.99
N GLU A 16 -11.83 16.14 2.17
CA GLU A 16 -12.89 17.16 2.19
C GLU A 16 -13.93 16.95 3.26
N VAL A 17 -14.02 15.76 3.84
CA VAL A 17 -15.07 15.46 4.82
C VAL A 17 -14.45 14.95 6.10
N GLY A 18 -15.09 15.24 7.22
CA GLY A 18 -14.69 14.72 8.52
C GLY A 18 -15.15 13.27 8.68
N PRO A 19 -14.96 12.67 9.88
CA PRO A 19 -14.43 13.29 11.09
C PRO A 19 -12.94 13.56 11.01
N THR A 20 -12.50 14.49 11.83
CA THR A 20 -11.11 14.81 11.97
C THR A 20 -10.76 14.41 13.41
N MET A 21 -9.75 13.54 13.57
CA MET A 21 -9.28 13.13 14.88
C MET A 21 -8.36 14.26 15.34
N VAL A 22 -8.58 14.79 16.55
CA VAL A 22 -7.81 15.94 17.04
C VAL A 22 -7.09 15.71 18.37
N GLY A 23 -7.16 14.50 18.92
CA GLY A 23 -6.45 14.21 20.15
C GLY A 23 -6.50 12.80 20.69
N ASP A 24 -5.57 12.51 21.58
CA ASP A 24 -5.46 11.26 22.32
C ASP A 24 -6.02 11.52 23.76
N GLU A 25 -6.13 10.48 24.61
CA GLU A 25 -6.65 10.64 25.97
C GLU A 25 -5.95 11.73 26.81
N GLN A 26 -4.65 11.99 26.56
CA GLN A 26 -3.92 12.98 27.37
C GLN A 26 -3.87 14.37 26.74
N SER A 27 -4.73 14.63 25.73
CA SER A 27 -4.78 15.94 25.07
C SER A 27 -5.27 17.02 26.00
N ASP A 28 -4.94 18.29 25.67
CA ASP A 28 -5.35 19.45 26.44
C ASP A 28 -6.87 19.53 26.46
N PRO A 29 -7.50 19.35 27.65
CA PRO A 29 -8.97 19.38 27.74
C PRO A 29 -9.59 20.69 27.27
N GLU A 30 -8.91 21.80 27.53
CA GLU A 30 -9.42 23.13 27.15
C GLU A 30 -9.42 23.27 25.61
N LEU A 31 -8.33 22.86 24.94
CA LEU A 31 -8.27 22.93 23.47
C LEU A 31 -9.33 22.02 22.84
N MET A 32 -9.53 20.82 23.40
CA MET A 32 -10.56 19.90 22.89
C MET A 32 -11.95 20.51 23.02
N GLN A 33 -12.20 21.19 24.15
CA GLN A 33 -13.47 21.88 24.39
C GLN A 33 -13.63 23.06 23.41
N HIS A 34 -12.58 23.84 23.19
CA HIS A 34 -12.59 24.95 22.23
C HIS A 34 -12.95 24.46 20.81
N LEU A 35 -12.41 23.31 20.39
CA LEU A 35 -12.70 22.78 19.05
C LEU A 35 -14.08 22.13 18.94
N GLY A 36 -14.75 21.90 20.08
CA GLY A 36 -16.04 21.22 20.12
C GLY A 36 -15.88 19.71 19.91
N ALA A 37 -14.74 19.16 20.35
CA ALA A 37 -14.44 17.74 20.21
C ALA A 37 -15.17 16.84 21.20
N SER A 38 -15.46 15.61 20.77
CA SER A 38 -16.11 14.59 21.59
C SER A 38 -15.17 13.40 21.74
N LYS A 39 -15.33 12.63 22.82
CA LYS A 39 -14.54 11.43 23.05
C LYS A 39 -15.26 10.26 22.40
N ARG A 40 -14.50 9.36 21.78
CA ARG A 40 -15.07 8.22 21.08
C ARG A 40 -14.09 7.06 21.13
N ARG A 41 -14.54 5.90 21.58
CA ARG A 41 -13.70 4.71 21.60
C ARG A 41 -14.10 3.90 20.40
N ALA A 42 -13.23 3.79 19.39
CA ALA A 42 -13.55 3.03 18.19
C ALA A 42 -13.64 1.52 18.47
N LEU A 43 -14.35 0.80 17.58
CA LEU A 43 -14.56 -0.65 17.62
C LEU A 43 -13.25 -1.41 17.82
N GLY A 44 -13.16 -2.19 18.90
CA GLY A 44 -12.01 -3.01 19.21
C GLY A 44 -10.76 -2.27 19.65
N ASN A 45 -10.91 -1.00 20.06
CA ASN A 45 -9.76 -0.23 20.55
C ASN A 45 -9.76 -0.20 22.05
N ASN A 46 -8.57 -0.18 22.63
CA ASN A 46 -8.34 -0.15 24.07
C ASN A 46 -8.13 1.28 24.58
N PHE A 47 -8.52 2.30 23.80
CA PHE A 47 -8.27 3.69 24.12
C PHE A 47 -9.33 4.61 23.53
N TYR A 48 -9.45 5.81 24.08
CA TYR A 48 -10.38 6.82 23.60
C TYR A 48 -9.62 7.83 22.74
N GLU A 49 -10.34 8.52 21.88
CA GLU A 49 -9.75 9.57 21.08
C GLU A 49 -10.73 10.72 20.94
N TYR A 50 -10.21 11.90 20.67
CA TYR A 50 -11.04 13.07 20.45
C TYR A 50 -11.24 13.26 18.94
N TYR A 51 -12.43 13.71 18.57
CA TYR A 51 -12.74 13.97 17.19
C TYR A 51 -13.74 15.12 17.05
N VAL A 52 -13.79 15.72 15.87
CA VAL A 52 -14.78 16.73 15.50
C VAL A 52 -15.38 16.28 14.16
N ASP A 53 -16.58 16.76 13.84
CA ASP A 53 -17.22 16.45 12.56
C ASP A 53 -16.64 17.25 11.40
N ASP A 54 -16.04 18.39 11.67
CA ASP A 54 -15.48 19.27 10.65
C ASP A 54 -14.39 18.61 9.80
N PRO A 55 -14.31 19.01 8.52
CA PRO A 55 -13.20 18.54 7.69
C PRO A 55 -11.88 19.17 8.18
N PRO A 56 -10.74 18.55 7.88
CA PRO A 56 -9.46 19.07 8.40
C PRO A 56 -9.12 20.51 8.04
N ARG A 57 -9.53 21.04 6.86
CA ARG A 57 -9.23 22.44 6.49
C ARG A 57 -9.77 23.44 7.54
N ILE A 58 -10.97 23.16 8.06
CA ILE A 58 -11.60 23.99 9.06
C ILE A 58 -10.91 23.88 10.41
N VAL A 59 -10.46 22.67 10.79
CA VAL A 59 -9.71 22.47 12.01
C VAL A 59 -8.36 23.21 11.94
N LEU A 60 -7.67 23.15 10.78
CA LEU A 60 -6.40 23.88 10.58
C LEU A 60 -6.59 25.38 10.80
N ASP A 61 -7.68 25.95 10.23
CA ASP A 61 -8.01 27.37 10.40
C ASP A 61 -8.22 27.71 11.89
N LYS A 62 -8.97 26.89 12.62
CA LYS A 62 -9.21 27.10 14.06
C LYS A 62 -7.93 26.99 14.88
N LEU A 63 -7.06 26.04 14.53
CA LEU A 63 -5.79 25.85 15.22
C LEU A 63 -4.82 27.01 14.99
N GLU A 64 -4.88 27.65 13.81
CA GLU A 64 -4.05 28.81 13.52
C GLU A 64 -4.42 29.95 14.47
N ARG A 65 -5.72 30.15 14.74
CA ARG A 65 -6.18 31.19 15.68
C ARG A 65 -5.70 30.93 17.11
N ARG A 66 -5.33 29.70 17.45
CA ARG A 66 -4.75 29.32 18.74
C ARG A 66 -3.19 29.31 18.72
N GLY A 67 -2.59 29.75 17.62
CA GLY A 67 -1.14 29.87 17.52
C GLY A 67 -0.43 28.67 16.94
N PHE A 68 -1.17 27.68 16.41
CA PHE A 68 -0.55 26.50 15.82
C PHE A 68 -0.24 26.69 14.35
N ARG A 69 0.92 26.24 13.93
CA ARG A 69 1.31 26.25 12.52
C ARG A 69 1.58 24.83 12.04
N VAL A 70 1.25 24.54 10.78
CA VAL A 70 1.53 23.22 10.21
C VAL A 70 3.02 23.07 9.91
N LEU A 71 3.66 22.07 10.51
CA LEU A 71 5.07 21.77 10.23
C LEU A 71 5.14 20.74 9.11
N SER A 72 4.22 19.78 9.10
CA SER A 72 4.26 18.71 8.11
C SER A 72 2.89 18.07 7.91
N MET A 73 2.71 17.47 6.73
CA MET A 73 1.49 16.75 6.36
C MET A 73 1.95 15.47 5.67
N THR A 74 1.37 14.32 6.01
CA THR A 74 1.78 13.05 5.38
C THR A 74 0.62 12.09 5.25
N GLY A 75 0.76 11.16 4.33
CA GLY A 75 -0.20 10.09 4.13
C GLY A 75 0.38 8.81 4.69
N VAL A 76 -0.45 8.00 5.36
CA VAL A 76 -0.03 6.70 5.88
C VAL A 76 -1.27 5.83 5.81
N GLY A 77 -1.22 4.73 5.07
CA GLY A 77 -2.40 3.91 4.81
C GLY A 77 -3.49 4.74 4.12
N GLN A 78 -4.68 4.79 4.75
CA GLN A 78 -5.78 5.63 4.27
C GLN A 78 -5.95 6.88 5.15
N THR A 79 -4.90 7.27 5.88
CA THR A 79 -4.96 8.40 6.83
C THR A 79 -4.10 9.54 6.37
N LEU A 80 -4.64 10.74 6.43
CA LEU A 80 -3.92 11.98 6.13
C LEU A 80 -3.65 12.61 7.48
N VAL A 81 -2.36 12.84 7.83
CA VAL A 81 -1.98 13.36 9.14
C VAL A 81 -1.32 14.73 9.02
N TRP A 82 -1.58 15.64 9.96
CA TRP A 82 -0.89 16.93 10.04
C TRP A 82 -0.18 17.01 11.39
N CYS A 83 1.05 17.51 11.37
CA CYS A 83 1.82 17.73 12.60
C CYS A 83 1.89 19.26 12.78
N LEU A 84 1.35 19.76 13.86
CA LEU A 84 1.33 21.18 14.14
C LEU A 84 2.18 21.54 15.36
N HIS A 85 2.65 22.81 15.41
CA HIS A 85 3.47 23.29 16.50
C HIS A 85 3.04 24.69 16.90
N LYS A 86 2.99 24.94 18.22
CA LYS A 86 2.65 26.26 18.72
C LYS A 86 3.94 27.05 18.93
N GLU A 87 3.88 28.38 18.78
CA GLU A 87 5.06 29.21 18.99
C GLU A 87 5.61 29.13 20.44
N PRO B 5 -27.01 -18.45 -0.63
CA PRO B 5 -26.58 -17.08 -0.38
C PRO B 5 -25.07 -16.97 -0.11
N TYR B 6 -24.53 -15.82 -0.46
CA TYR B 6 -23.14 -15.44 -0.23
C TYR B 6 -23.05 -14.65 1.07
N LEU B 7 -21.88 -14.71 1.70
CA LEU B 7 -21.65 -14.02 2.95
C LEU B 7 -20.23 -13.44 2.93
N LEU B 8 -20.07 -12.19 3.37
CA LEU B 8 -18.77 -11.54 3.44
C LEU B 8 -18.50 -11.20 4.90
N ILE B 9 -17.35 -11.65 5.42
CA ILE B 9 -16.93 -11.34 6.78
C ILE B 9 -15.53 -10.71 6.70
N SER B 10 -15.16 -9.92 7.71
CA SER B 10 -13.84 -9.29 7.71
C SER B 10 -13.33 -8.94 9.09
N THR B 11 -12.02 -8.71 9.17
CA THR B 11 -11.38 -8.22 10.37
C THR B 11 -10.25 -7.25 9.96
N GLN B 12 -9.84 -6.33 10.84
CA GLN B 12 -8.80 -5.38 10.52
C GLN B 12 -7.57 -5.55 11.42
N ILE B 13 -6.41 -5.07 10.94
CA ILE B 13 -5.12 -4.95 11.64
C ILE B 13 -4.49 -6.28 12.08
N ARG B 14 -5.22 -7.14 12.79
CA ARG B 14 -4.72 -8.44 13.24
C ARG B 14 -5.76 -9.51 13.00
N MET B 15 -5.34 -10.70 12.61
CA MET B 15 -6.27 -11.80 12.34
C MET B 15 -6.69 -12.58 13.60
N GLU B 16 -5.89 -12.48 14.68
CA GLU B 16 -6.13 -13.23 15.92
C GLU B 16 -7.17 -12.62 16.84
N VAL B 17 -7.54 -11.36 16.61
CA VAL B 17 -8.43 -10.64 17.53
C VAL B 17 -9.56 -10.03 16.73
N GLY B 18 -10.72 -9.94 17.33
CA GLY B 18 -11.86 -9.28 16.74
C GLY B 18 -11.74 -7.76 16.91
N PRO B 19 -12.78 -7.00 16.57
CA PRO B 19 -14.09 -7.43 16.07
C PRO B 19 -14.03 -8.00 14.65
N THR B 20 -14.98 -8.84 14.34
CA THR B 20 -15.17 -9.41 13.02
C THR B 20 -16.50 -8.84 12.51
N MET B 21 -16.47 -8.16 11.37
CA MET B 21 -17.68 -7.64 10.73
C MET B 21 -18.34 -8.81 10.02
N VAL B 22 -19.62 -9.04 10.27
CA VAL B 22 -20.33 -10.21 9.72
C VAL B 22 -21.56 -9.87 8.88
N GLY B 23 -21.84 -8.59 8.67
CA GLY B 23 -22.96 -8.22 7.83
C GLY B 23 -23.21 -6.76 7.59
N ASP B 24 -24.00 -6.49 6.55
CA ASP B 24 -24.47 -5.16 6.18
C ASP B 24 -25.92 -5.01 6.70
N GLU B 25 -26.52 -3.81 6.58
CA GLU B 25 -27.88 -3.56 7.06
C GLU B 25 -28.93 -4.54 6.56
N GLN B 26 -28.77 -5.10 5.36
CA GLN B 26 -29.78 -6.02 4.81
C GLN B 26 -29.48 -7.50 5.09
N SER B 27 -28.53 -7.81 5.99
CA SER B 27 -28.17 -9.19 6.30
C SER B 27 -29.31 -9.95 6.94
N ASP B 28 -29.28 -11.29 6.87
CA ASP B 28 -30.31 -12.15 7.47
C ASP B 28 -30.33 -11.91 8.98
N PRO B 29 -31.43 -11.35 9.51
CA PRO B 29 -31.49 -11.05 10.96
C PRO B 29 -31.33 -12.27 11.85
N GLU B 30 -31.88 -13.41 11.42
CA GLU B 30 -31.79 -14.64 12.19
C GLU B 30 -30.33 -15.14 12.27
N LEU B 31 -29.59 -15.13 11.14
CA LEU B 31 -28.17 -15.55 11.15
C LEU B 31 -27.35 -14.57 12.02
N MET B 32 -27.65 -13.26 11.94
CA MET B 32 -26.94 -12.27 12.76
C MET B 32 -27.16 -12.53 14.25
N GLN B 33 -28.40 -12.90 14.62
CA GLN B 33 -28.78 -13.25 15.99
C GLN B 33 -28.07 -14.56 16.42
N HIS B 34 -28.03 -15.57 15.55
CA HIS B 34 -27.35 -16.84 15.82
C HIS B 34 -25.85 -16.60 16.15
N LEU B 35 -25.19 -15.68 15.43
CA LEU B 35 -23.78 -15.36 15.66
C LEU B 35 -23.54 -14.48 16.91
N GLY B 36 -24.60 -13.90 17.47
CA GLY B 36 -24.51 -12.99 18.61
C GLY B 36 -24.00 -11.62 18.18
N ALA B 37 -24.33 -11.21 16.95
CA ALA B 37 -23.89 -9.94 16.39
C ALA B 37 -24.68 -8.75 16.86
N SER B 38 -24.02 -7.60 16.93
CA SER B 38 -24.63 -6.32 17.29
C SER B 38 -24.51 -5.32 16.13
N LYS B 39 -25.42 -4.35 16.08
CA LYS B 39 -25.38 -3.31 15.06
C LYS B 39 -24.53 -2.16 15.54
N ARG B 40 -23.72 -1.62 14.63
CA ARG B 40 -22.85 -0.51 14.96
C ARG B 40 -22.56 0.37 13.77
N ARG B 41 -22.53 1.67 13.99
CA ARG B 41 -22.19 2.61 12.94
C ARG B 41 -20.83 3.12 13.27
N ALA B 42 -19.80 2.72 12.50
CA ALA B 42 -18.44 3.20 12.73
C ALA B 42 -18.36 4.72 12.53
N LEU B 43 -17.40 5.36 13.18
CA LEU B 43 -17.22 6.80 13.07
C LEU B 43 -16.91 7.22 11.62
N GLY B 44 -17.73 8.12 11.10
CA GLY B 44 -17.59 8.60 9.73
C GLY B 44 -18.31 7.74 8.71
N ASN B 45 -19.44 7.12 9.12
CA ASN B 45 -20.21 6.27 8.21
C ASN B 45 -21.68 6.60 8.14
N ASN B 46 -22.23 6.58 6.94
CA ASN B 46 -23.65 6.80 6.62
C ASN B 46 -24.54 5.60 6.96
N PHE B 47 -23.96 4.48 7.39
CA PHE B 47 -24.66 3.22 7.55
C PHE B 47 -24.24 2.44 8.80
N TYR B 48 -25.06 1.44 9.16
CA TYR B 48 -24.77 0.51 10.25
C TYR B 48 -24.19 -0.78 9.65
N GLU B 49 -23.57 -1.58 10.49
CA GLU B 49 -23.05 -2.89 10.10
C GLU B 49 -23.07 -3.82 11.31
N TYR B 50 -23.06 -5.14 11.05
CA TYR B 50 -23.10 -6.13 12.11
C TYR B 50 -21.70 -6.58 12.43
N TYR B 51 -21.44 -6.82 13.72
CA TYR B 51 -20.15 -7.28 14.17
C TYR B 51 -20.26 -8.21 15.36
N VAL B 52 -19.24 -9.01 15.57
CA VAL B 52 -19.09 -9.84 16.77
C VAL B 52 -17.69 -9.55 17.36
N ASP B 53 -17.52 -9.81 18.65
CA ASP B 53 -16.22 -9.62 19.31
C ASP B 53 -15.22 -10.74 18.98
N ASP B 54 -15.72 -11.91 18.59
CA ASP B 54 -14.89 -13.07 18.28
C ASP B 54 -13.91 -12.84 17.14
N PRO B 55 -12.73 -13.48 17.23
CA PRO B 55 -11.80 -13.43 16.09
C PRO B 55 -12.40 -14.21 14.90
N PRO B 56 -11.95 -13.91 13.67
CA PRO B 56 -12.55 -14.58 12.49
C PRO B 56 -12.46 -16.10 12.44
N ARG B 57 -11.44 -16.75 13.02
CA ARG B 57 -11.36 -18.23 13.01
C ARG B 57 -12.60 -18.84 13.70
N ILE B 58 -13.07 -18.24 14.80
CA ILE B 58 -14.25 -18.70 15.53
C ILE B 58 -15.53 -18.47 14.72
N VAL B 59 -15.61 -17.35 14.00
CA VAL B 59 -16.78 -17.06 13.17
C VAL B 59 -16.84 -18.06 12.00
N LEU B 60 -15.67 -18.38 11.38
CA LEU B 60 -15.63 -19.36 10.28
C LEU B 60 -16.14 -20.73 10.76
N ASP B 61 -15.74 -21.16 11.95
CA ASP B 61 -16.18 -22.41 12.55
C ASP B 61 -17.69 -22.43 12.73
N LYS B 62 -18.27 -21.34 13.25
CA LYS B 62 -19.73 -21.23 13.46
C LYS B 62 -20.48 -21.23 12.13
N LEU B 63 -19.92 -20.56 11.11
CA LEU B 63 -20.57 -20.49 9.80
C LEU B 63 -20.57 -21.84 9.09
N GLU B 64 -19.54 -22.67 9.33
CA GLU B 64 -19.50 -24.00 8.74
C GLU B 64 -20.68 -24.85 9.29
N ARG B 65 -20.98 -24.71 10.59
CA ARG B 65 -22.09 -25.46 11.18
C ARG B 65 -23.47 -25.00 10.62
N ARG B 66 -23.52 -23.82 10.00
CA ARG B 66 -24.69 -23.25 9.34
C ARG B 66 -24.70 -23.52 7.80
N GLY B 67 -23.74 -24.32 7.30
CA GLY B 67 -23.68 -24.70 5.90
C GLY B 67 -22.83 -23.85 4.97
N PHE B 68 -22.07 -22.90 5.53
CA PHE B 68 -21.22 -22.03 4.71
C PHE B 68 -19.83 -22.56 4.59
N ARG B 69 -19.29 -22.47 3.39
CA ARG B 69 -17.95 -22.89 3.04
C ARG B 69 -17.14 -21.64 2.57
N VAL B 70 -15.84 -21.54 2.89
CA VAL B 70 -15.02 -20.44 2.42
C VAL B 70 -14.69 -20.66 0.91
N LEU B 71 -15.03 -19.71 0.06
CA LEU B 71 -14.66 -19.74 -1.33
C LEU B 71 -13.31 -19.01 -1.54
N SER B 72 -13.11 -17.92 -0.81
CA SER B 72 -11.92 -17.11 -0.98
C SER B 72 -11.62 -16.29 0.27
N MET B 73 -10.35 -15.91 0.43
CA MET B 73 -9.87 -15.03 1.48
C MET B 73 -8.90 -14.06 0.82
N THR B 74 -9.02 -12.77 1.10
CA THR B 74 -8.11 -11.79 0.52
C THR B 74 -7.83 -10.62 1.45
N GLY B 75 -6.71 -9.97 1.22
CA GLY B 75 -6.34 -8.76 1.94
C GLY B 75 -6.61 -7.54 1.07
N VAL B 76 -7.09 -6.46 1.69
CA VAL B 76 -7.30 -5.19 0.98
C VAL B 76 -7.07 -4.11 2.00
N GLY B 77 -6.07 -3.23 1.80
CA GLY B 77 -5.70 -2.24 2.79
C GLY B 77 -5.24 -2.95 4.07
N GLN B 78 -5.86 -2.63 5.20
CA GLN B 78 -5.60 -3.31 6.48
C GLN B 78 -6.73 -4.27 6.85
N THR B 79 -7.52 -4.73 5.85
CA THR B 79 -8.67 -5.59 6.08
C THR B 79 -8.47 -6.96 5.48
N LEU B 80 -8.75 -7.97 6.24
CA LEU B 80 -8.69 -9.35 5.78
C LEU B 80 -10.18 -9.76 5.57
N VAL B 81 -10.55 -10.15 4.35
CA VAL B 81 -11.94 -10.48 4.01
C VAL B 81 -12.09 -11.95 3.64
N TRP B 82 -13.21 -12.57 4.01
CA TRP B 82 -13.54 -13.94 3.59
C TRP B 82 -14.86 -13.88 2.82
N CYS B 83 -14.92 -14.60 1.70
CA CYS B 83 -16.13 -14.73 0.92
C CYS B 83 -16.63 -16.17 1.15
N LEU B 84 -17.83 -16.32 1.71
CA LEU B 84 -18.40 -17.63 1.99
C LEU B 84 -19.64 -17.91 1.16
N HIS B 85 -19.97 -19.20 0.96
CA HIS B 85 -21.13 -19.59 0.16
C HIS B 85 -21.82 -20.78 0.82
N LYS B 86 -23.15 -20.72 0.90
CA LYS B 86 -23.95 -21.78 1.48
C LYS B 86 -24.26 -22.77 0.36
N GLU B 87 -23.96 -24.06 0.56
CA GLU B 87 -24.24 -25.13 -0.40
C GLU B 87 -25.65 -25.08 -1.01
N PRO C 5 22.75 14.80 17.23
CA PRO C 5 22.21 15.76 16.25
C PRO C 5 20.90 15.25 15.61
N TYR C 6 20.93 14.21 14.73
CA TYR C 6 19.68 13.71 14.15
C TYR C 6 19.05 12.63 15.01
N LEU C 7 17.71 12.57 14.97
CA LEU C 7 16.95 11.61 15.74
C LEU C 7 15.75 11.14 14.93
N LEU C 8 15.44 9.83 14.99
CA LEU C 8 14.27 9.30 14.30
C LEU C 8 13.37 8.63 15.34
N ILE C 9 12.07 8.95 15.32
CA ILE C 9 11.09 8.35 16.20
C ILE C 9 9.93 7.85 15.36
N SER C 10 9.21 6.83 15.85
CA SER C 10 8.11 6.28 15.06
C SER C 10 7.06 5.60 15.88
N THR C 11 5.90 5.43 15.30
CA THR C 11 4.82 4.67 15.90
C THR C 11 4.10 3.90 14.76
N GLN C 12 3.42 2.81 15.06
CA GLN C 12 2.69 2.05 14.06
C GLN C 12 1.19 2.05 14.31
N ILE C 13 0.41 1.75 13.24
CA ILE C 13 -1.05 1.54 13.22
C ILE C 13 -1.91 2.74 13.62
N ARG C 14 -1.67 3.34 14.81
CA ARG C 14 -2.44 4.50 15.30
C ARG C 14 -1.47 5.54 15.88
N MET C 15 -1.73 6.81 15.64
CA MET C 15 -0.88 7.89 16.14
C MET C 15 -1.21 8.31 17.59
N GLU C 16 -2.41 7.97 18.09
CA GLU C 16 -2.89 8.32 19.43
C GLU C 16 -2.37 7.43 20.54
N VAL C 17 -1.76 6.28 20.20
CA VAL C 17 -1.31 5.34 21.22
C VAL C 17 0.10 4.87 20.90
N GLY C 18 0.84 4.59 21.94
CA GLY C 18 2.17 4.03 21.81
C GLY C 18 2.12 2.54 21.51
N PRO C 19 3.25 1.83 21.50
CA PRO C 19 4.60 2.32 21.80
C PRO C 19 5.16 3.20 20.70
N THR C 20 6.10 4.06 21.08
CA THR C 20 6.81 4.92 20.16
C THR C 20 8.24 4.44 20.24
N MET C 21 8.83 4.10 19.09
CA MET C 21 10.24 3.71 19.01
C MET C 21 11.02 5.02 19.03
N VAL C 22 12.03 5.12 19.90
CA VAL C 22 12.79 6.36 20.03
C VAL C 22 14.31 6.21 19.83
N GLY C 23 14.77 5.02 19.47
CA GLY C 23 16.19 4.82 19.22
C GLY C 23 16.60 3.42 18.81
N ASP C 24 17.80 3.35 18.24
CA ASP C 24 18.48 2.13 17.85
C ASP C 24 19.54 1.81 18.94
N GLU C 25 20.22 0.67 18.86
CA GLU C 25 21.23 0.30 19.88
C GLU C 25 22.34 1.34 20.11
N GLN C 26 22.67 2.18 19.12
CA GLN C 26 23.70 3.18 19.28
C GLN C 26 23.19 4.57 19.65
N SER C 27 21.93 4.67 20.12
CA SER C 27 21.36 5.95 20.52
C SER C 27 22.02 6.50 21.79
N ASP C 28 21.88 7.82 22.03
CA ASP C 28 22.42 8.50 23.20
C ASP C 28 21.77 7.92 24.45
N PRO C 29 22.53 7.22 25.30
CA PRO C 29 21.94 6.61 26.50
C PRO C 29 21.30 7.60 27.47
N GLU C 30 21.84 8.82 27.54
CA GLU C 30 21.35 9.89 28.42
C GLU C 30 19.97 10.37 27.98
N LEU C 31 19.80 10.57 26.68
CA LEU C 31 18.52 10.99 26.12
C LEU C 31 17.49 9.86 26.27
N MET C 32 17.89 8.60 26.01
CA MET C 32 16.98 7.45 26.15
C MET C 32 16.48 7.34 27.58
N GLN C 33 17.38 7.55 28.56
CA GLN C 33 17.03 7.51 29.97
C GLN C 33 16.11 8.67 30.34
N HIS C 34 16.39 9.87 29.83
CA HIS C 34 15.55 11.03 30.07
C HIS C 34 14.09 10.81 29.59
N LEU C 35 13.92 10.14 28.42
CA LEU C 35 12.60 9.83 27.88
C LEU C 35 11.88 8.67 28.63
N GLY C 36 12.61 7.94 29.45
CA GLY C 36 12.05 6.79 30.15
C GLY C 36 11.95 5.58 29.24
N ALA C 37 12.85 5.49 28.25
CA ALA C 37 12.85 4.40 27.28
C ALA C 37 13.43 3.08 27.79
N SER C 38 12.91 1.97 27.28
CA SER C 38 13.36 0.62 27.61
C SER C 38 13.91 -0.06 26.33
N LYS C 39 14.83 -1.02 26.50
CA LYS C 39 15.30 -1.79 25.35
C LYS C 39 14.38 -3.01 25.22
N ARG C 40 13.82 -3.26 24.04
CA ARG C 40 12.95 -4.41 23.81
C ARG C 40 13.14 -4.94 22.40
N ARG C 41 13.02 -6.25 22.24
CA ARG C 41 13.18 -6.89 20.96
C ARG C 41 11.82 -7.28 20.41
N ALA C 42 11.47 -6.77 19.24
CA ALA C 42 10.20 -7.13 18.61
C ALA C 42 10.32 -8.58 18.12
N LEU C 43 9.22 -9.34 18.17
CA LEU C 43 9.26 -10.73 17.71
C LEU C 43 9.53 -10.76 16.18
N GLY C 44 10.56 -11.50 15.78
CA GLY C 44 10.95 -11.55 14.38
C GLY C 44 11.97 -10.50 13.98
N ASN C 45 12.76 -10.09 14.97
CA ASN C 45 13.84 -9.12 14.91
C ASN C 45 14.95 -9.68 15.80
N ASN C 46 16.22 -9.56 15.40
CA ASN C 46 17.34 -10.05 16.23
C ASN C 46 17.91 -8.98 17.17
N PHE C 47 17.72 -7.69 16.85
CA PHE C 47 18.28 -6.60 17.65
C PHE C 47 17.31 -5.88 18.57
N TYR C 48 17.85 -5.28 19.65
CA TYR C 48 17.04 -4.50 20.56
C TYR C 48 16.86 -3.08 20.04
N GLU C 49 15.76 -2.46 20.43
CA GLU C 49 15.46 -1.09 20.06
C GLU C 49 14.98 -0.35 21.33
N TYR C 50 15.05 1.00 21.35
CA TYR C 50 14.52 1.76 22.47
C TYR C 50 13.08 2.15 22.16
N TYR C 51 12.21 2.05 23.14
CA TYR C 51 10.83 2.43 23.00
C TYR C 51 10.27 3.02 24.30
N VAL C 52 9.20 3.78 24.18
CA VAL C 52 8.45 4.30 25.31
C VAL C 52 6.99 3.92 25.11
N ASP C 53 6.23 3.87 26.19
CA ASP C 53 4.80 3.56 26.13
C ASP C 53 3.96 4.75 25.66
N ASP C 54 4.47 5.96 25.82
CA ASP C 54 3.80 7.20 25.45
C ASP C 54 3.48 7.29 23.95
N PRO C 55 2.37 7.96 23.61
CA PRO C 55 2.09 8.24 22.20
C PRO C 55 3.13 9.28 21.69
N PRO C 56 3.33 9.33 20.37
CA PRO C 56 4.35 10.25 19.82
C PRO C 56 4.18 11.74 20.12
N ARG C 57 2.94 12.27 20.30
CA ARG C 57 2.77 13.70 20.63
C ARG C 57 3.54 14.06 21.94
N ILE C 58 3.48 13.17 22.94
CA ILE C 58 4.13 13.37 24.22
C ILE C 58 5.65 13.31 24.08
N VAL C 59 6.15 12.41 23.23
CA VAL C 59 7.58 12.29 22.98
C VAL C 59 8.10 13.55 22.26
N LEU C 60 7.34 14.07 21.27
CA LEU C 60 7.71 15.30 20.57
C LEU C 60 7.84 16.48 21.55
N ASP C 61 6.89 16.61 22.49
CA ASP C 61 6.92 17.67 23.51
C ASP C 61 8.19 17.55 24.37
N LYS C 62 8.53 16.34 24.81
CA LYS C 62 9.73 16.11 25.64
C LYS C 62 11.02 16.40 24.86
N LEU C 63 11.05 16.04 23.56
CA LEU C 63 12.22 16.28 22.71
C LEU C 63 12.46 17.75 22.44
N GLU C 64 11.38 18.55 22.36
CA GLU C 64 11.49 19.98 22.17
C GLU C 64 12.22 20.62 23.38
N ARG C 65 11.90 20.13 24.61
CA ARG C 65 12.55 20.65 25.81
C ARG C 65 14.05 20.33 25.85
N ARG C 66 14.52 19.36 25.06
CA ARG C 66 15.92 19.00 24.90
C ARG C 66 16.59 19.67 23.65
N GLY C 67 15.88 20.61 23.02
CA GLY C 67 16.36 21.38 21.89
C GLY C 67 16.20 20.73 20.53
N PHE C 68 15.36 19.67 20.42
CA PHE C 68 15.13 19.04 19.12
C PHE C 68 13.93 19.66 18.44
N ARG C 69 14.00 19.75 17.11
CA ARG C 69 12.86 20.22 16.33
C ARG C 69 12.54 19.24 15.19
N VAL C 70 11.27 19.20 14.80
CA VAL C 70 10.82 18.33 13.73
C VAL C 70 11.21 18.93 12.39
N LEU C 71 11.97 18.21 11.58
CA LEU C 71 12.31 18.62 10.23
C LEU C 71 11.31 18.01 9.22
N SER C 72 10.87 16.77 9.50
CA SER C 72 9.97 16.08 8.62
C SER C 72 9.17 14.99 9.34
N MET C 73 7.99 14.69 8.80
CA MET C 73 7.13 13.61 9.27
C MET C 73 6.67 12.89 8.02
N THR C 74 6.73 11.54 8.03
CA THR C 74 6.26 10.79 6.86
C THR C 74 5.67 9.47 7.24
N GLY C 75 4.82 8.95 6.39
CA GLY C 75 4.24 7.62 6.52
C GLY C 75 4.96 6.66 5.60
N VAL C 76 5.21 5.45 6.07
CA VAL C 76 5.81 4.40 5.24
C VAL C 76 5.18 3.09 5.72
N GLY C 77 4.47 2.37 4.84
CA GLY C 77 3.69 1.21 5.24
C GLY C 77 2.65 1.59 6.30
N GLN C 78 2.70 0.96 7.47
CA GLN C 78 1.84 1.32 8.62
C GLN C 78 2.61 2.06 9.71
N THR C 79 3.73 2.69 9.34
CA THR C 79 4.59 3.38 10.31
C THR C 79 4.59 4.86 10.04
N LEU C 80 4.43 5.64 11.09
CA LEU C 80 4.49 7.09 11.01
C LEU C 80 5.85 7.46 11.62
N VAL C 81 6.71 8.14 10.86
CA VAL C 81 8.09 8.47 11.28
C VAL C 81 8.31 9.98 11.41
N TRP C 82 9.07 10.43 12.42
CA TRP C 82 9.44 11.84 12.54
C TRP C 82 10.98 11.91 12.49
N CYS C 83 11.51 12.87 11.74
CA CYS C 83 12.94 13.13 11.66
C CYS C 83 13.16 14.43 12.41
N LEU C 84 13.93 14.38 13.48
CA LEU C 84 14.22 15.55 14.30
C LEU C 84 15.73 15.91 14.31
N HIS C 85 16.04 17.18 14.56
CA HIS C 85 17.40 17.65 14.57
C HIS C 85 17.64 18.61 15.74
N LYS C 86 18.83 18.55 16.33
CA LYS C 86 19.27 19.44 17.40
C LYS C 86 20.25 20.44 16.77
N GLU C 87 20.09 21.74 17.03
CA GLU C 87 20.94 22.80 16.47
C GLU C 87 22.43 22.48 16.34
N PRO D 5 -18.87 -17.23 -20.28
CA PRO D 5 -18.26 -15.92 -20.13
C PRO D 5 -17.84 -15.63 -18.70
N TYR D 6 -16.84 -14.80 -18.65
CA TYR D 6 -16.28 -14.26 -17.44
C TYR D 6 -16.96 -12.94 -17.09
N LEU D 7 -17.00 -12.64 -15.80
CA LEU D 7 -17.59 -11.40 -15.31
C LEU D 7 -16.73 -10.85 -14.17
N LEU D 8 -16.50 -9.54 -14.14
CA LEU D 8 -15.74 -8.91 -13.07
C LEU D 8 -16.60 -7.87 -12.39
N ILE D 9 -16.71 -7.97 -11.08
CA ILE D 9 -17.46 -7.01 -10.27
C ILE D 9 -16.52 -6.46 -9.19
N SER D 10 -16.81 -5.26 -8.68
CA SER D 10 -15.94 -4.68 -7.67
C SER D 10 -16.63 -3.65 -6.82
N THR D 11 -15.99 -3.34 -5.70
CA THR D 11 -16.43 -2.29 -4.79
C THR D 11 -15.18 -1.63 -4.19
N GLN D 12 -15.30 -0.36 -3.78
CA GLN D 12 -14.17 0.33 -3.19
C GLN D 12 -14.45 0.74 -1.75
N ILE D 13 -13.35 0.93 -0.97
CA ILE D 13 -13.30 1.44 0.41
C ILE D 13 -13.97 0.52 1.46
N ARG D 14 -15.22 0.12 1.24
CA ARG D 14 -16.01 -0.67 2.19
C ARG D 14 -16.76 -1.78 1.46
N MET D 15 -16.83 -3.00 2.03
CA MET D 15 -17.52 -4.12 1.36
C MET D 15 -19.03 -4.15 1.66
N GLU D 16 -19.49 -3.51 2.75
CA GLU D 16 -20.90 -3.56 3.17
C GLU D 16 -21.81 -2.59 2.45
N VAL D 17 -21.26 -1.62 1.73
CA VAL D 17 -22.07 -0.63 1.05
C VAL D 17 -21.60 -0.53 -0.39
N GLY D 18 -22.51 -0.18 -1.26
CA GLY D 18 -22.19 0.05 -2.66
C GLY D 18 -21.57 1.42 -2.87
N PRO D 19 -21.39 1.87 -4.12
CA PRO D 19 -21.78 1.19 -5.36
C PRO D 19 -20.89 -0.01 -5.66
N THR D 20 -21.46 -0.95 -6.43
CA THR D 20 -20.75 -2.12 -6.92
C THR D 20 -20.68 -1.95 -8.44
N MET D 21 -19.48 -1.96 -9.00
CA MET D 21 -19.28 -1.87 -10.44
C MET D 21 -19.52 -3.26 -11.00
N VAL D 22 -20.39 -3.37 -12.00
CA VAL D 22 -20.78 -4.68 -12.53
C VAL D 22 -20.51 -4.86 -14.03
N GLY D 23 -19.89 -3.89 -14.68
CA GLY D 23 -19.58 -4.02 -16.10
C GLY D 23 -18.87 -2.88 -16.77
N ASP D 24 -18.29 -3.19 -17.92
CA ASP D 24 -17.60 -2.24 -18.79
C ASP D 24 -18.55 -1.94 -19.98
N GLU D 25 -18.18 -1.02 -20.88
CA GLU D 25 -19.03 -0.67 -22.02
C GLU D 25 -19.46 -1.84 -22.89
N GLN D 26 -18.67 -2.92 -22.97
CA GLN D 26 -19.02 -4.07 -23.80
C GLN D 26 -19.73 -5.20 -23.06
N SER D 27 -20.25 -4.93 -21.84
CA SER D 27 -20.97 -5.92 -21.06
C SER D 27 -22.31 -6.30 -21.71
N ASP D 28 -22.84 -7.49 -21.35
CA ASP D 28 -24.12 -7.97 -21.85
C ASP D 28 -25.23 -7.00 -21.37
N PRO D 29 -25.88 -6.29 -22.30
CA PRO D 29 -26.89 -5.30 -21.89
C PRO D 29 -28.06 -5.90 -21.14
N GLU D 30 -28.43 -7.14 -21.48
CA GLU D 30 -29.54 -7.83 -20.82
C GLU D 30 -29.20 -8.14 -19.36
N LEU D 31 -27.99 -8.64 -19.08
CA LEU D 31 -27.57 -8.94 -17.71
C LEU D 31 -27.47 -7.64 -16.89
N MET D 32 -26.91 -6.56 -17.47
CA MET D 32 -26.83 -5.26 -16.78
C MET D 32 -28.24 -4.76 -16.41
N GLN D 33 -29.19 -4.92 -17.35
CA GLN D 33 -30.59 -4.53 -17.12
C GLN D 33 -31.24 -5.38 -16.06
N HIS D 34 -31.00 -6.68 -16.07
CA HIS D 34 -31.52 -7.59 -15.03
C HIS D 34 -31.03 -7.16 -13.62
N LEU D 35 -29.76 -6.72 -13.50
CA LEU D 35 -29.22 -6.27 -12.22
C LEU D 35 -29.71 -4.87 -11.79
N GLY D 36 -30.35 -4.13 -12.69
CA GLY D 36 -30.81 -2.78 -12.42
C GLY D 36 -29.65 -1.78 -12.47
N ALA D 37 -28.62 -2.07 -13.30
CA ALA D 37 -27.43 -1.23 -13.42
C ALA D 37 -27.64 0.03 -14.23
N SER D 38 -26.90 1.08 -13.90
CA SER D 38 -26.89 2.34 -14.62
C SER D 38 -25.48 2.61 -15.20
N LYS D 39 -25.41 3.40 -16.28
CA LYS D 39 -24.12 3.78 -16.86
C LYS D 39 -23.64 5.07 -16.17
N ARG D 40 -22.36 5.13 -15.82
CA ARG D 40 -21.79 6.29 -15.16
C ARG D 40 -20.33 6.45 -15.52
N ARG D 41 -19.90 7.69 -15.72
CA ARG D 41 -18.51 8.00 -16.01
C ARG D 41 -17.95 8.67 -14.77
N ALA D 42 -17.05 8.00 -14.06
CA ALA D 42 -16.43 8.59 -12.87
C ALA D 42 -15.53 9.75 -13.27
N LEU D 43 -15.34 10.69 -12.35
CA LEU D 43 -14.52 11.87 -12.60
C LEU D 43 -13.09 11.49 -13.00
N GLY D 44 -12.62 12.06 -14.10
CA GLY D 44 -11.29 11.76 -14.60
C GLY D 44 -11.18 10.49 -15.42
N ASN D 45 -12.31 9.84 -15.73
CA ASN D 45 -12.30 8.64 -16.55
C ASN D 45 -12.82 8.97 -17.96
N ASN D 46 -12.26 8.33 -19.00
CA ASN D 46 -12.71 8.52 -20.37
C ASN D 46 -13.56 7.31 -20.83
N PHE D 47 -14.26 6.66 -19.90
CA PHE D 47 -15.06 5.49 -20.21
C PHE D 47 -16.20 5.35 -19.24
N TYR D 48 -17.30 4.83 -19.74
CA TYR D 48 -18.47 4.57 -18.93
C TYR D 48 -18.33 3.19 -18.33
N GLU D 49 -19.00 2.99 -17.23
CA GLU D 49 -19.04 1.69 -16.56
C GLU D 49 -20.46 1.48 -16.05
N TYR D 50 -20.82 0.24 -15.81
CA TYR D 50 -22.09 -0.10 -15.23
C TYR D 50 -21.92 -0.27 -13.72
N TYR D 51 -22.89 0.20 -12.96
CA TYR D 51 -22.87 0.09 -11.52
C TYR D 51 -24.28 -0.08 -10.95
N VAL D 52 -24.36 -0.64 -9.76
CA VAL D 52 -25.59 -0.71 -9.00
C VAL D 52 -25.31 -0.11 -7.61
N ASP D 53 -26.35 0.34 -6.92
CA ASP D 53 -26.21 0.89 -5.57
C ASP D 53 -26.04 -0.21 -4.51
N ASP D 54 -26.45 -1.45 -4.82
CA ASP D 54 -26.38 -2.56 -3.91
C ASP D 54 -24.98 -2.90 -3.46
N PRO D 55 -24.83 -3.38 -2.22
CA PRO D 55 -23.53 -3.89 -1.79
C PRO D 55 -23.21 -5.19 -2.55
N PRO D 56 -21.92 -5.55 -2.66
CA PRO D 56 -21.55 -6.75 -3.44
C PRO D 56 -22.18 -8.08 -3.00
N ARG D 57 -22.52 -8.29 -1.70
CA ARG D 57 -23.16 -9.56 -1.29
C ARG D 57 -24.49 -9.79 -2.04
N ILE D 58 -25.27 -8.72 -2.23
CA ILE D 58 -26.55 -8.79 -2.92
C ILE D 58 -26.35 -9.03 -4.42
N VAL D 59 -25.31 -8.43 -5.01
CA VAL D 59 -25.00 -8.65 -6.43
C VAL D 59 -24.56 -10.09 -6.65
N LEU D 60 -23.73 -10.66 -5.74
CA LEU D 60 -23.28 -12.04 -5.86
C LEU D 60 -24.48 -13.00 -5.83
N ASP D 61 -25.45 -12.77 -4.92
CA ASP D 61 -26.66 -13.58 -4.84
C ASP D 61 -27.44 -13.52 -6.16
N LYS D 62 -27.63 -12.33 -6.74
CA LYS D 62 -28.36 -12.18 -8.01
C LYS D 62 -27.62 -12.87 -9.14
N LEU D 63 -26.27 -12.80 -9.13
CA LEU D 63 -25.47 -13.43 -10.18
C LEU D 63 -25.53 -14.96 -10.13
N GLU D 64 -25.63 -15.52 -8.94
CA GLU D 64 -25.76 -16.96 -8.78
C GLU D 64 -27.08 -17.45 -9.43
N ARG D 65 -28.17 -16.68 -9.29
CA ARG D 65 -29.44 -17.06 -9.90
C ARG D 65 -29.40 -17.01 -11.44
N ARG D 66 -28.39 -16.36 -12.02
CA ARG D 66 -28.12 -16.33 -13.45
C ARG D 66 -27.08 -17.37 -13.91
N GLY D 67 -26.64 -18.24 -13.00
CA GLY D 67 -25.67 -19.29 -13.29
C GLY D 67 -24.20 -18.93 -13.13
N PHE D 68 -23.90 -17.75 -12.55
CA PHE D 68 -22.49 -17.37 -12.34
C PHE D 68 -21.95 -17.91 -11.01
N ARG D 69 -20.73 -18.40 -11.02
CA ARG D 69 -20.07 -18.85 -9.80
C ARG D 69 -18.79 -18.00 -9.56
N VAL D 70 -18.46 -17.75 -8.29
CA VAL D 70 -17.25 -16.99 -7.95
C VAL D 70 -16.05 -17.92 -8.11
N LEU D 71 -15.11 -17.54 -8.97
CA LEU D 71 -13.86 -18.28 -9.12
C LEU D 71 -12.80 -17.73 -8.18
N SER D 72 -12.79 -16.40 -7.97
CA SER D 72 -11.78 -15.75 -7.17
C SER D 72 -12.25 -14.40 -6.65
N MET D 73 -11.65 -13.96 -5.53
CA MET D 73 -11.89 -12.66 -4.94
C MET D 73 -10.53 -12.13 -4.53
N THR D 74 -10.21 -10.87 -4.87
CA THR D 74 -8.94 -10.30 -4.46
C THR D 74 -9.05 -8.81 -4.15
N GLY D 75 -8.09 -8.32 -3.38
CA GLY D 75 -7.98 -6.90 -3.10
C GLY D 75 -6.85 -6.32 -3.91
N VAL D 76 -7.04 -5.12 -4.43
CA VAL D 76 -5.98 -4.40 -5.15
C VAL D 76 -6.18 -2.91 -4.82
N GLY D 77 -5.20 -2.28 -4.18
CA GLY D 77 -5.32 -0.90 -3.69
C GLY D 77 -6.49 -0.81 -2.71
N GLN D 78 -7.49 0.04 -2.98
CA GLN D 78 -8.68 0.13 -2.15
C GLN D 78 -9.88 -0.57 -2.78
N THR D 79 -9.66 -1.45 -3.77
CA THR D 79 -10.72 -2.13 -4.51
C THR D 79 -10.79 -3.60 -4.19
N LEU D 80 -11.97 -4.10 -3.94
CA LEU D 80 -12.22 -5.52 -3.71
C LEU D 80 -12.86 -6.03 -5.04
N VAL D 81 -12.27 -7.02 -5.69
CA VAL D 81 -12.72 -7.52 -6.99
C VAL D 81 -13.16 -8.98 -6.91
N TRP D 82 -14.22 -9.36 -7.63
CA TRP D 82 -14.66 -10.76 -7.75
C TRP D 82 -14.61 -11.14 -9.22
N CYS D 83 -14.06 -12.31 -9.51
CA CYS D 83 -14.01 -12.87 -10.85
C CYS D 83 -15.02 -13.99 -10.88
N LEU D 84 -16.03 -13.89 -11.73
CA LEU D 84 -17.09 -14.89 -11.84
C LEU D 84 -17.10 -15.60 -13.21
N HIS D 85 -17.61 -16.84 -13.27
CA HIS D 85 -17.66 -17.57 -14.55
C HIS D 85 -19.04 -18.26 -14.67
N LYS D 86 -19.70 -18.11 -15.81
CA LYS D 86 -21.01 -18.68 -16.02
C LYS D 86 -20.97 -20.15 -16.31
N GLU D 87 -21.99 -20.86 -15.82
CA GLU D 87 -22.24 -22.27 -16.04
C GLU D 87 -22.71 -22.47 -17.49
N PRO E 5 4.79 -32.44 -0.60
CA PRO E 5 4.88 -31.36 0.37
C PRO E 5 4.63 -29.99 -0.29
N TYR E 6 4.77 -28.92 0.50
CA TYR E 6 4.51 -27.55 0.07
C TYR E 6 5.76 -26.85 -0.45
N LEU E 7 5.54 -25.89 -1.36
CA LEU E 7 6.62 -25.09 -1.96
C LEU E 7 6.10 -23.65 -2.06
N LEU E 8 6.97 -22.67 -1.79
CA LEU E 8 6.64 -21.26 -1.96
C LEU E 8 7.67 -20.65 -2.92
N ILE E 9 7.19 -20.03 -3.99
CA ILE E 9 8.08 -19.33 -4.93
C ILE E 9 7.60 -17.88 -5.06
N SER E 10 8.50 -16.96 -5.46
CA SER E 10 8.12 -15.56 -5.56
C SER E 10 8.96 -14.77 -6.53
N THR E 11 8.45 -13.61 -6.93
CA THR E 11 9.19 -12.66 -7.74
C THR E 11 8.75 -11.25 -7.32
N GLN E 12 9.57 -10.23 -7.59
CA GLN E 12 9.22 -8.86 -7.23
C GLN E 12 9.07 -7.96 -8.43
N ILE E 13 8.37 -6.81 -8.26
CA ILE E 13 8.23 -5.68 -9.21
C ILE E 13 7.50 -6.01 -10.51
N ARG E 14 7.96 -7.01 -11.27
CA ARG E 14 7.37 -7.43 -12.54
C ARG E 14 7.27 -8.95 -12.56
N MET E 15 6.15 -9.47 -13.07
CA MET E 15 5.94 -10.91 -13.16
C MET E 15 6.65 -11.57 -14.39
N GLU E 16 7.03 -10.76 -15.39
CA GLU E 16 7.63 -11.27 -16.63
C GLU E 16 9.12 -11.55 -16.54
N VAL E 17 9.80 -11.01 -15.52
CA VAL E 17 11.25 -11.18 -15.40
C VAL E 17 11.63 -11.67 -14.02
N GLY E 18 12.72 -12.42 -13.96
CA GLY E 18 13.29 -12.90 -12.71
C GLY E 18 14.08 -11.81 -12.00
N PRO E 19 14.79 -12.14 -10.91
CA PRO E 19 14.92 -13.48 -10.29
C PRO E 19 13.66 -13.97 -9.64
N THR E 20 13.57 -15.29 -9.52
CA THR E 20 12.47 -15.97 -8.87
C THR E 20 13.08 -16.67 -7.67
N MET E 21 12.58 -16.39 -6.48
CA MET E 21 13.05 -17.06 -5.26
C MET E 21 12.31 -18.40 -5.22
N VAL E 22 13.04 -19.50 -5.03
CA VAL E 22 12.47 -20.83 -5.08
C VAL E 22 12.69 -21.69 -3.81
N GLY E 23 13.33 -21.14 -2.80
CA GLY E 23 13.54 -21.89 -1.57
C GLY E 23 14.23 -21.18 -0.42
N ASP E 24 14.07 -21.77 0.76
CA ASP E 24 14.69 -21.31 2.01
C ASP E 24 15.87 -22.27 2.33
N GLU E 25 16.64 -22.03 3.39
CA GLU E 25 17.79 -22.86 3.78
C GLU E 25 17.47 -24.36 3.93
N GLN E 26 16.23 -24.70 4.34
CA GLN E 26 15.86 -26.10 4.55
C GLN E 26 15.18 -26.74 3.34
N SER E 27 15.26 -26.11 2.15
CA SER E 27 14.66 -26.67 0.94
C SER E 27 15.36 -27.95 0.47
N ASP E 28 14.66 -28.77 -0.30
CA ASP E 28 15.19 -30.02 -0.87
C ASP E 28 16.36 -29.67 -1.80
N PRO E 29 17.58 -30.10 -1.43
CA PRO E 29 18.77 -29.75 -2.27
C PRO E 29 18.69 -30.28 -3.69
N GLU E 30 18.10 -31.47 -3.87
CA GLU E 30 17.98 -32.08 -5.19
C GLU E 30 17.02 -31.25 -6.08
N LEU E 31 15.86 -30.81 -5.54
CA LEU E 31 14.91 -30.00 -6.31
C LEU E 31 15.56 -28.65 -6.67
N MET E 32 16.32 -28.07 -5.73
CA MET E 32 16.99 -26.80 -5.98
C MET E 32 18.00 -26.95 -7.11
N GLN E 33 18.74 -28.07 -7.13
CA GLN E 33 19.71 -28.41 -8.17
C GLN E 33 19.00 -28.64 -9.52
N HIS E 34 17.87 -29.35 -9.51
CA HIS E 34 17.08 -29.59 -10.73
C HIS E 34 16.63 -28.27 -11.38
N LEU E 35 16.23 -27.28 -10.57
CA LEU E 35 15.81 -25.98 -11.09
C LEU E 35 16.99 -25.09 -11.54
N GLY E 36 18.22 -25.45 -11.17
CA GLY E 36 19.40 -24.66 -11.48
C GLY E 36 19.52 -23.48 -10.55
N ALA E 37 19.04 -23.62 -9.30
CA ALA E 37 19.07 -22.57 -8.31
C ALA E 37 20.41 -22.37 -7.64
N SER E 38 20.69 -21.14 -7.24
CA SER E 38 21.89 -20.77 -6.51
C SER E 38 21.51 -20.21 -5.14
N LYS E 39 22.44 -20.32 -4.17
CA LYS E 39 22.22 -19.77 -2.84
C LYS E 39 22.70 -18.32 -2.81
N ARG E 40 21.96 -17.46 -2.10
CA ARG E 40 22.29 -16.05 -2.06
C ARG E 40 21.82 -15.46 -0.73
N ARG E 41 22.66 -14.63 -0.08
CA ARG E 41 22.28 -14.01 1.18
C ARG E 41 22.08 -12.50 0.97
N ALA E 42 20.82 -12.04 0.98
CA ALA E 42 20.52 -10.62 0.78
C ALA E 42 21.14 -9.73 1.85
N LEU E 43 21.42 -8.47 1.46
CA LEU E 43 22.02 -7.41 2.28
C LEU E 43 21.42 -7.35 3.68
N GLY E 44 22.23 -7.56 4.70
CA GLY E 44 21.80 -7.48 6.10
C GLY E 44 20.89 -8.60 6.59
N ASN E 45 20.78 -9.71 5.84
CA ASN E 45 19.95 -10.84 6.27
C ASN E 45 20.81 -11.89 6.94
N ASN E 46 20.32 -12.47 8.03
CA ASN E 46 21.06 -13.51 8.76
C ASN E 46 20.72 -14.93 8.22
N PHE E 47 20.20 -15.02 6.97
CA PHE E 47 19.70 -16.24 6.34
C PHE E 47 19.83 -16.16 4.80
N TYR E 48 20.11 -17.29 4.16
CA TYR E 48 20.21 -17.35 2.70
C TYR E 48 18.96 -17.96 2.05
N GLU E 49 18.83 -17.78 0.75
CA GLU E 49 17.71 -18.27 -0.01
C GLU E 49 18.19 -18.85 -1.34
N TYR E 50 17.34 -19.62 -1.99
CA TYR E 50 17.61 -20.16 -3.30
C TYR E 50 16.86 -19.32 -4.32
N TYR E 51 17.51 -19.06 -5.45
CA TYR E 51 16.90 -18.27 -6.52
C TYR E 51 17.34 -18.78 -7.89
N VAL E 52 16.56 -18.47 -8.91
CA VAL E 52 16.91 -18.73 -10.30
C VAL E 52 16.74 -17.39 -11.07
N ASP E 53 17.39 -17.28 -12.22
CA ASP E 53 17.26 -16.09 -13.06
C ASP E 53 15.95 -16.09 -13.88
N ASP E 54 15.36 -17.25 -14.09
CA ASP E 54 14.14 -17.42 -14.87
C ASP E 54 12.97 -16.66 -14.32
N PRO E 55 12.08 -16.18 -15.21
CA PRO E 55 10.80 -15.61 -14.72
C PRO E 55 9.92 -16.72 -14.11
N PRO E 56 8.98 -16.34 -13.21
CA PRO E 56 8.17 -17.37 -12.55
C PRO E 56 7.35 -18.30 -13.44
N ARG E 57 6.85 -17.85 -14.62
CA ARG E 57 6.08 -18.73 -15.50
C ARG E 57 6.89 -19.98 -15.90
N ILE E 58 8.20 -19.81 -16.14
CA ILE E 58 9.11 -20.89 -16.49
C ILE E 58 9.36 -21.83 -15.31
N VAL E 59 9.45 -21.29 -14.10
CA VAL E 59 9.63 -22.11 -12.89
C VAL E 59 8.37 -22.93 -12.62
N LEU E 60 7.16 -22.32 -12.80
CA LEU E 60 5.89 -23.05 -12.62
C LEU E 60 5.83 -24.25 -13.56
N ASP E 61 6.23 -24.06 -14.84
CA ASP E 61 6.22 -25.13 -15.84
C ASP E 61 7.15 -26.27 -15.40
N LYS E 62 8.37 -25.95 -14.95
CA LYS E 62 9.34 -26.95 -14.46
C LYS E 62 8.82 -27.69 -13.21
N LEU E 63 8.18 -26.97 -12.29
CA LEU E 63 7.63 -27.58 -11.08
C LEU E 63 6.45 -28.52 -11.38
N GLU E 64 5.65 -28.22 -12.41
CA GLU E 64 4.56 -29.10 -12.81
C GLU E 64 5.12 -30.46 -13.25
N ARG E 65 6.25 -30.46 -13.97
CA ARG E 65 6.89 -31.71 -14.42
C ARG E 65 7.45 -32.55 -13.25
N ARG E 66 7.61 -31.94 -12.06
CA ARG E 66 7.99 -32.62 -10.83
C ARG E 66 6.76 -33.00 -9.93
N GLY E 67 5.54 -32.77 -10.42
CA GLY E 67 4.32 -33.11 -9.70
C GLY E 67 3.73 -32.02 -8.85
N PHE E 68 4.26 -30.78 -8.96
CA PHE E 68 3.71 -29.66 -8.18
C PHE E 68 2.55 -28.97 -8.87
N ARG E 69 1.56 -28.58 -8.08
CA ARG E 69 0.38 -27.89 -8.57
C ARG E 69 0.25 -26.54 -7.85
N VAL E 70 -0.18 -25.50 -8.55
CA VAL E 70 -0.42 -24.20 -7.92
C VAL E 70 -1.73 -24.27 -7.11
N LEU E 71 -1.64 -24.04 -5.81
CA LEU E 71 -2.82 -23.97 -4.96
C LEU E 71 -3.31 -22.52 -4.84
N SER E 72 -2.39 -21.57 -4.83
CA SER E 72 -2.75 -20.18 -4.64
C SER E 72 -1.65 -19.24 -5.14
N MET E 73 -2.06 -18.02 -5.51
CA MET E 73 -1.14 -16.98 -5.93
C MET E 73 -1.62 -15.72 -5.23
N THR E 74 -0.68 -14.95 -4.63
CA THR E 74 -1.09 -13.72 -3.98
C THR E 74 -0.04 -12.63 -4.12
N GLY E 75 -0.48 -11.39 -3.97
CA GLY E 75 0.42 -10.25 -3.95
C GLY E 75 0.59 -9.80 -2.51
N VAL E 76 1.81 -9.42 -2.13
CA VAL E 76 2.04 -8.84 -0.78
C VAL E 76 3.17 -7.84 -0.97
N GLY E 77 2.91 -6.55 -0.69
CA GLY E 77 3.90 -5.51 -0.99
C GLY E 77 4.19 -5.47 -2.49
N GLN E 78 5.48 -5.58 -2.86
CA GLN E 78 5.84 -5.66 -4.28
C GLN E 78 6.24 -7.09 -4.67
N THR E 79 5.75 -8.09 -3.94
CA THR E 79 6.09 -9.49 -4.18
C THR E 79 4.89 -10.28 -4.61
N LEU E 80 5.06 -11.08 -5.64
CA LEU E 80 4.02 -11.97 -6.16
C LEU E 80 4.45 -13.37 -5.69
N VAL E 81 3.61 -14.06 -4.92
CA VAL E 81 3.96 -15.35 -4.33
C VAL E 81 3.05 -16.45 -4.84
N TRP E 82 3.60 -17.64 -5.09
CA TRP E 82 2.81 -18.82 -5.45
C TRP E 82 3.01 -19.87 -4.39
N CYS E 83 1.93 -20.49 -3.97
CA CYS E 83 1.95 -21.62 -3.04
C CYS E 83 1.67 -22.87 -3.87
N LEU E 84 2.60 -23.81 -3.88
CA LEU E 84 2.49 -25.05 -4.64
C LEU E 84 2.44 -26.27 -3.74
N HIS E 85 1.85 -27.35 -4.22
CA HIS E 85 1.69 -28.56 -3.43
C HIS E 85 1.78 -29.77 -4.34
N LYS E 86 2.47 -30.82 -3.84
CA LYS E 86 2.68 -32.12 -4.49
C LYS E 86 1.67 -33.06 -3.84
N GLU E 87 0.75 -33.66 -4.62
CA GLU E 87 -0.28 -34.54 -4.03
C GLU E 87 0.26 -35.91 -3.66
N PRO F 5 6.43 28.95 -12.68
CA PRO F 5 6.99 28.94 -11.33
C PRO F 5 7.02 27.57 -10.65
N TYR F 6 5.93 26.77 -10.75
CA TYR F 6 5.94 25.43 -10.13
C TYR F 6 6.33 24.36 -11.12
N LEU F 7 6.97 23.31 -10.64
CA LEU F 7 7.42 22.21 -11.47
C LEU F 7 7.28 20.91 -10.71
N LEU F 8 6.80 19.85 -11.39
CA LEU F 8 6.68 18.55 -10.77
C LEU F 8 7.54 17.58 -11.58
N ILE F 9 8.41 16.83 -10.90
CA ILE F 9 9.22 15.79 -11.52
C ILE F 9 9.01 14.47 -10.75
N SER F 10 9.24 13.32 -11.40
CA SER F 10 9.04 12.05 -10.73
C SER F 10 9.85 10.92 -11.32
N THR F 11 9.98 9.84 -10.54
CA THR F 11 10.60 8.61 -11.02
C THR F 11 9.85 7.44 -10.35
N GLN F 12 9.89 6.24 -10.96
CA GLN F 12 9.24 5.09 -10.38
C GLN F 12 10.23 4.01 -9.99
N ILE F 13 9.79 3.10 -9.08
CA ILE F 13 10.46 1.87 -8.64
C ILE F 13 11.79 2.08 -7.88
N ARG F 14 12.79 2.76 -8.51
CA ARG F 14 14.09 3.00 -7.90
C ARG F 14 14.45 4.48 -8.08
N MET F 15 15.03 5.09 -7.07
CA MET F 15 15.42 6.50 -7.14
C MET F 15 16.76 6.73 -7.89
N GLU F 16 17.60 5.69 -8.00
CA GLU F 16 18.95 5.79 -8.59
C GLU F 16 18.96 5.75 -10.10
N VAL F 17 17.88 5.33 -10.74
CA VAL F 17 17.86 5.18 -12.19
C VAL F 17 16.62 5.86 -12.76
N GLY F 18 16.75 6.36 -13.99
CA GLY F 18 15.62 6.97 -14.69
C GLY F 18 14.71 5.91 -15.30
N PRO F 19 13.76 6.30 -16.17
CA PRO F 19 13.44 7.66 -16.61
C PRO F 19 12.87 8.54 -15.50
N THR F 20 13.02 9.84 -15.69
CA THR F 20 12.50 10.85 -14.79
C THR F 20 11.50 11.64 -15.63
N MET F 21 10.26 11.72 -15.18
CA MET F 21 9.23 12.50 -15.87
C MET F 21 9.43 13.95 -15.44
N VAL F 22 9.51 14.87 -16.41
CA VAL F 22 9.83 16.27 -16.10
C VAL F 22 8.81 17.29 -16.62
N GLY F 23 7.70 16.84 -17.19
CA GLY F 23 6.71 17.77 -17.70
C GLY F 23 5.45 17.21 -18.33
N ASP F 24 4.41 18.04 -18.36
CA ASP F 24 3.12 17.72 -18.95
C ASP F 24 3.05 18.47 -20.31
N GLU F 25 1.98 18.29 -21.09
CA GLU F 25 1.83 18.96 -22.38
C GLU F 25 1.96 20.47 -22.35
N GLN F 26 1.61 21.12 -21.22
CA GLN F 26 1.68 22.58 -21.12
C GLN F 26 2.98 23.09 -20.50
N SER F 27 4.02 22.25 -20.41
CA SER F 27 5.32 22.64 -19.88
C SER F 27 6.06 23.62 -20.79
N ASP F 28 6.97 24.39 -20.22
CA ASP F 28 7.81 25.35 -20.94
C ASP F 28 8.69 24.58 -21.93
N PRO F 29 8.46 24.78 -23.25
CA PRO F 29 9.24 24.04 -24.26
C PRO F 29 10.73 24.29 -24.19
N GLU F 30 11.14 25.51 -23.84
CA GLU F 30 12.56 25.86 -23.75
C GLU F 30 13.22 25.10 -22.58
N LEU F 31 12.56 25.01 -21.41
CA LEU F 31 13.10 24.27 -20.27
C LEU F 31 13.17 22.78 -20.59
N MET F 32 12.14 22.24 -21.27
CA MET F 32 12.15 20.82 -21.68
C MET F 32 13.32 20.53 -22.62
N GLN F 33 13.60 21.46 -23.55
CA GLN F 33 14.71 21.35 -24.48
C GLN F 33 16.04 21.45 -23.73
N HIS F 34 16.19 22.39 -22.79
CA HIS F 34 17.39 22.53 -21.97
C HIS F 34 17.73 21.23 -21.22
N LEU F 35 16.71 20.54 -20.68
CA LEU F 35 16.90 19.28 -19.96
C LEU F 35 17.18 18.07 -20.90
N GLY F 36 16.95 18.22 -22.19
CA GLY F 36 17.12 17.15 -23.16
C GLY F 36 15.96 16.17 -23.14
N ALA F 37 14.76 16.67 -22.76
CA ALA F 37 13.57 15.85 -22.64
C ALA F 37 12.91 15.50 -23.97
N SER F 38 12.29 14.31 -24.02
CA SER F 38 11.54 13.83 -25.17
C SER F 38 10.07 13.66 -24.80
N LYS F 39 9.18 13.73 -25.80
CA LYS F 39 7.75 13.55 -25.57
C LYS F 39 7.40 12.09 -25.74
N ARG F 40 6.50 11.60 -24.90
CA ARG F 40 6.05 10.21 -24.96
C ARG F 40 4.62 10.09 -24.47
N ARG F 41 3.83 9.25 -25.13
CA ARG F 41 2.47 8.98 -24.74
C ARG F 41 2.46 7.56 -24.20
N ALA F 42 2.33 7.39 -22.89
CA ALA F 42 2.30 6.06 -22.30
C ALA F 42 1.11 5.23 -22.78
N LEU F 43 1.26 3.91 -22.75
CA LEU F 43 0.25 2.97 -23.20
C LEU F 43 -1.11 3.19 -22.52
N GLY F 44 -2.14 3.39 -23.35
CA GLY F 44 -3.49 3.61 -22.87
C GLY F 44 -3.78 5.02 -22.37
N ASN F 45 -2.84 5.97 -22.55
CA ASN F 45 -3.06 7.34 -22.09
C ASN F 45 -3.43 8.26 -23.25
N ASN F 46 -4.30 9.24 -23.03
CA ASN F 46 -4.68 10.18 -24.10
C ASN F 46 -3.92 11.52 -23.95
N PHE F 47 -2.71 11.49 -23.36
CA PHE F 47 -1.87 12.67 -23.16
C PHE F 47 -0.38 12.31 -23.22
N TYR F 48 0.44 13.24 -23.69
CA TYR F 48 1.88 13.03 -23.70
C TYR F 48 2.54 13.70 -22.49
N GLU F 49 3.71 13.22 -22.17
CA GLU F 49 4.51 13.75 -21.09
C GLU F 49 5.97 13.87 -21.55
N TYR F 50 6.73 14.69 -20.85
CA TYR F 50 8.15 14.89 -21.11
C TYR F 50 8.93 14.03 -20.14
N TYR F 51 9.99 13.43 -20.63
CA TYR F 51 10.84 12.60 -19.79
C TYR F 51 12.30 12.71 -20.22
N VAL F 52 13.21 12.37 -19.32
CA VAL F 52 14.63 12.26 -19.59
C VAL F 52 15.10 10.90 -19.08
N ASP F 53 16.20 10.39 -19.62
CA ASP F 53 16.76 9.10 -19.19
C ASP F 53 17.51 9.20 -17.87
N ASP F 54 17.96 10.41 -17.49
CA ASP F 54 18.73 10.67 -16.28
C ASP F 54 18.00 10.32 -15.02
N PRO F 55 18.74 9.87 -13.98
CA PRO F 55 18.11 9.69 -12.68
C PRO F 55 17.70 11.06 -12.09
N PRO F 56 16.72 11.08 -11.17
CA PRO F 56 16.25 12.36 -10.63
C PRO F 56 17.29 13.23 -9.94
N ARG F 57 18.33 12.67 -9.29
CA ARG F 57 19.37 13.51 -8.65
C ARG F 57 20.03 14.47 -9.68
N ILE F 58 20.27 13.97 -10.89
CA ILE F 58 20.88 14.76 -11.98
C ILE F 58 19.92 15.84 -12.49
N VAL F 59 18.63 15.52 -12.55
CA VAL F 59 17.62 16.50 -12.97
C VAL F 59 17.50 17.61 -11.93
N LEU F 60 17.52 17.26 -10.62
CA LEU F 60 17.45 18.25 -9.55
C LEU F 60 18.65 19.23 -9.65
N ASP F 61 19.85 18.71 -9.91
CA ASP F 61 21.05 19.53 -10.06
C ASP F 61 20.88 20.52 -11.24
N LYS F 62 20.40 20.04 -12.39
CA LYS F 62 20.13 20.89 -13.56
C LYS F 62 19.08 21.95 -13.29
N LEU F 63 17.99 21.58 -12.59
CA LEU F 63 16.93 22.52 -12.25
C LEU F 63 17.37 23.62 -11.27
N GLU F 64 18.31 23.29 -10.35
CA GLU F 64 18.83 24.27 -9.42
C GLU F 64 19.57 25.38 -10.21
N ARG F 65 20.32 25.00 -11.24
CA ARG F 65 21.03 25.99 -12.07
C ARG F 65 20.08 26.92 -12.86
N ARG F 66 18.80 26.51 -13.03
CA ARG F 66 17.74 27.30 -13.64
C ARG F 66 16.90 28.09 -12.60
N GLY F 67 17.30 28.09 -11.33
CA GLY F 67 16.64 28.83 -10.26
C GLY F 67 15.53 28.09 -9.53
N PHE F 68 15.41 26.77 -9.75
CA PHE F 68 14.38 25.98 -9.05
C PHE F 68 14.88 25.41 -7.75
N ARG F 69 14.04 25.41 -6.73
CA ARG F 69 14.38 24.83 -5.44
C ARG F 69 13.37 23.73 -5.10
N VAL F 70 13.77 22.73 -4.34
CA VAL F 70 12.85 21.68 -3.91
C VAL F 70 12.03 22.18 -2.73
N LEU F 71 10.71 22.18 -2.87
CA LEU F 71 9.83 22.55 -1.76
C LEU F 71 9.39 21.27 -1.03
N SER F 72 9.19 20.18 -1.76
CA SER F 72 8.71 18.95 -1.16
C SER F 72 9.08 17.74 -2.00
N MET F 73 9.19 16.59 -1.33
CA MET F 73 9.42 15.29 -1.95
C MET F 73 8.45 14.32 -1.28
N THR F 74 7.74 13.52 -2.05
CA THR F 74 6.80 12.56 -1.49
C THR F 74 6.72 11.28 -2.30
N GLY F 75 6.33 10.21 -1.64
CA GLY F 75 6.08 8.95 -2.30
C GLY F 75 4.59 8.73 -2.45
N VAL F 76 4.16 8.19 -3.58
CA VAL F 76 2.75 7.86 -3.79
C VAL F 76 2.76 6.61 -4.68
N GLY F 77 2.20 5.51 -4.22
CA GLY F 77 2.30 4.23 -4.94
C GLY F 77 3.77 3.83 -5.10
N GLN F 78 4.20 3.58 -6.33
CA GLN F 78 5.61 3.30 -6.62
C GLN F 78 6.30 4.52 -7.27
N THR F 79 5.76 5.73 -7.06
CA THR F 79 6.31 6.95 -7.65
C THR F 79 6.88 7.86 -6.58
N LEU F 80 8.07 8.41 -6.83
CA LEU F 80 8.70 9.37 -5.95
C LEU F 80 8.56 10.71 -6.70
N VAL F 81 7.93 11.70 -6.09
CA VAL F 81 7.65 12.98 -6.74
C VAL F 81 8.38 14.11 -6.04
N TRP F 82 8.85 15.10 -6.79
CA TRP F 82 9.44 16.32 -6.23
C TRP F 82 8.61 17.50 -6.73
N CYS F 83 8.30 18.42 -5.85
CA CYS F 83 7.63 19.67 -6.16
C CYS F 83 8.70 20.77 -6.06
N LEU F 84 8.96 21.46 -7.16
CA LEU F 84 9.95 22.53 -7.20
C LEU F 84 9.32 23.87 -7.49
N HIS F 85 9.98 24.94 -7.02
CA HIS F 85 9.49 26.29 -7.20
C HIS F 85 10.62 27.22 -7.61
N LYS F 86 10.32 28.13 -8.52
CA LYS F 86 11.26 29.15 -8.98
C LYS F 86 10.89 30.43 -8.24
N GLU F 87 11.67 30.79 -7.19
CA GLU F 87 11.54 31.98 -6.35
C GLU F 87 10.10 32.37 -6.00
N PRO G 5 1.95 -24.05 -20.96
CA PRO G 5 1.06 -24.59 -19.92
C PRO G 5 0.54 -23.51 -18.97
N TYR G 6 1.43 -22.84 -18.20
CA TYR G 6 1.00 -21.73 -17.33
C TYR G 6 1.03 -20.42 -18.10
N LEU G 7 0.12 -19.52 -17.75
CA LEU G 7 0.01 -18.23 -18.39
C LEU G 7 -0.30 -17.16 -17.35
N LEU G 8 0.30 -15.99 -17.48
CA LEU G 8 0.04 -14.88 -16.56
C LEU G 8 -0.44 -13.70 -17.38
N ILE G 9 -1.59 -13.14 -17.02
CA ILE G 9 -2.11 -11.95 -17.68
C ILE G 9 -2.36 -10.88 -16.60
N SER G 10 -2.31 -9.59 -16.98
CA SER G 10 -2.50 -8.55 -15.99
C SER G 10 -3.01 -7.27 -16.59
N THR G 11 -3.55 -6.40 -15.74
CA THR G 11 -3.95 -5.06 -16.11
C THR G 11 -3.62 -4.15 -14.91
N GLN G 12 -3.47 -2.84 -15.16
CA GLN G 12 -3.18 -1.89 -14.08
C GLN G 12 -4.26 -0.86 -13.93
N ILE G 13 -4.36 -0.24 -12.73
CA ILE G 13 -5.21 0.88 -12.35
C ILE G 13 -6.73 0.62 -12.37
N ARG G 14 -7.29 0.18 -13.50
CA ARG G 14 -8.72 -0.12 -13.62
C ARG G 14 -8.88 -1.49 -14.25
N MET G 15 -9.87 -2.27 -13.83
CA MET G 15 -10.10 -3.60 -14.41
C MET G 15 -10.94 -3.56 -15.69
N GLU G 16 -11.71 -2.48 -15.92
CA GLU G 16 -12.64 -2.39 -17.06
C GLU G 16 -11.99 -1.97 -18.37
N VAL G 17 -10.77 -1.44 -18.30
CA VAL G 17 -10.09 -0.96 -19.48
C VAL G 17 -8.71 -1.57 -19.58
N GLY G 18 -8.27 -1.77 -20.81
CA GLY G 18 -6.93 -2.24 -21.07
C GLY G 18 -5.91 -1.12 -20.96
N PRO G 19 -4.64 -1.34 -21.34
CA PRO G 19 -4.10 -2.56 -21.92
C PRO G 19 -4.03 -3.71 -20.93
N THR G 20 -4.11 -4.91 -21.46
CA THR G 20 -3.95 -6.13 -20.70
C THR G 20 -2.61 -6.74 -21.19
N MET G 21 -1.67 -7.02 -20.27
CA MET G 21 -0.39 -7.66 -20.60
C MET G 21 -0.69 -9.14 -20.68
N VAL G 22 -0.27 -9.80 -21.77
CA VAL G 22 -0.58 -11.22 -21.99
C VAL G 22 0.64 -12.11 -22.20
N GLY G 23 1.86 -11.55 -22.12
CA GLY G 23 3.05 -12.37 -22.29
C GLY G 23 4.39 -11.71 -22.11
N ASP G 24 5.41 -12.53 -21.90
CA ASP G 24 6.81 -12.13 -21.75
C ASP G 24 7.54 -12.55 -23.08
N GLU G 25 8.85 -12.28 -23.23
CA GLU G 25 9.56 -12.61 -24.47
C GLU G 25 9.66 -14.10 -24.78
N GLN G 26 9.35 -14.97 -23.80
CA GLN G 26 9.35 -16.41 -24.09
C GLN G 26 7.93 -17.01 -24.21
N SER G 27 6.92 -16.15 -24.43
CA SER G 27 5.56 -16.61 -24.62
C SER G 27 5.38 -17.33 -25.97
N ASP G 28 4.36 -18.17 -26.07
CA ASP G 28 4.01 -18.88 -27.29
C ASP G 28 3.64 -17.85 -28.39
N PRO G 29 4.46 -17.76 -29.45
CA PRO G 29 4.19 -16.76 -30.50
C PRO G 29 2.83 -16.92 -31.18
N GLU G 30 2.38 -18.18 -31.34
CA GLU G 30 1.11 -18.46 -31.97
C GLU G 30 -0.05 -17.96 -31.10
N LEU G 31 -0.01 -18.21 -29.80
CA LEU G 31 -1.05 -17.72 -28.89
C LEU G 31 -1.07 -16.18 -28.85
N MET G 32 0.12 -15.56 -28.88
CA MET G 32 0.21 -14.08 -28.89
C MET G 32 -0.45 -13.52 -30.15
N GLN G 33 -0.20 -14.18 -31.30
CA GLN G 33 -0.79 -13.81 -32.57
C GLN G 33 -2.32 -14.01 -32.54
N HIS G 34 -2.79 -15.13 -32.01
CA HIS G 34 -4.22 -15.43 -31.89
C HIS G 34 -4.95 -14.36 -31.09
N LEU G 35 -4.34 -13.86 -30.01
CA LEU G 35 -4.95 -12.80 -29.19
C LEU G 35 -4.89 -11.40 -29.82
N GLY G 36 -4.09 -11.24 -30.88
CA GLY G 36 -3.89 -9.94 -31.51
C GLY G 36 -2.95 -9.07 -30.69
N ALA G 37 -2.00 -9.69 -29.98
CA ALA G 37 -1.04 -8.98 -29.14
C ALA G 37 0.10 -8.32 -29.91
N SER G 38 0.59 -7.21 -29.38
CA SER G 38 1.72 -6.48 -29.91
C SER G 38 2.88 -6.54 -28.92
N LYS G 39 4.11 -6.56 -29.44
CA LYS G 39 5.30 -6.65 -28.61
C LYS G 39 5.89 -5.27 -28.42
N ARG G 40 6.34 -4.96 -27.21
CA ARG G 40 6.93 -3.67 -26.91
C ARG G 40 7.88 -3.77 -25.74
N ARG G 41 8.85 -2.87 -25.69
CA ARG G 41 9.74 -2.78 -24.54
C ARG G 41 9.43 -1.46 -23.91
N ALA G 42 8.75 -1.48 -22.76
CA ALA G 42 8.37 -0.27 -22.05
C ALA G 42 9.62 0.47 -21.55
N LEU G 43 9.55 1.81 -21.56
CA LEU G 43 10.59 2.76 -21.16
C LEU G 43 11.29 2.37 -19.84
N GLY G 44 12.62 2.24 -19.94
CA GLY G 44 13.45 1.88 -18.81
C GLY G 44 13.42 0.41 -18.42
N ASN G 45 12.82 -0.47 -19.26
CA ASN G 45 12.78 -1.90 -18.96
C ASN G 45 13.83 -2.65 -19.78
N ASN G 46 14.36 -3.75 -19.24
CA ASN G 46 15.35 -4.57 -19.96
C ASN G 46 14.70 -5.82 -20.61
N PHE G 47 13.39 -5.78 -20.84
CA PHE G 47 12.68 -6.92 -21.40
C PHE G 47 11.51 -6.49 -22.28
N TYR G 48 11.05 -7.42 -23.12
CA TYR G 48 9.92 -7.21 -24.01
C TYR G 48 8.66 -7.85 -23.43
N GLU G 49 7.52 -7.24 -23.71
CA GLU G 49 6.23 -7.75 -23.22
C GLU G 49 5.20 -7.72 -24.35
N TYR G 50 4.22 -8.58 -24.23
CA TYR G 50 3.10 -8.65 -25.17
C TYR G 50 1.89 -8.04 -24.48
N TYR G 51 1.10 -7.29 -25.22
CA TYR G 51 -0.09 -6.67 -24.69
C TYR G 51 -1.19 -6.58 -25.74
N VAL G 52 -2.43 -6.46 -25.29
CA VAL G 52 -3.59 -6.22 -26.12
C VAL G 52 -4.31 -4.98 -25.56
N ASP G 53 -5.11 -4.31 -26.39
CA ASP G 53 -5.89 -3.15 -25.95
C ASP G 53 -7.14 -3.54 -25.17
N ASP G 54 -7.62 -4.79 -25.34
CA ASP G 54 -8.81 -5.28 -24.68
C ASP G 54 -8.73 -5.29 -23.17
N PRO G 55 -9.88 -5.07 -22.50
CA PRO G 55 -9.91 -5.25 -21.05
C PRO G 55 -9.77 -6.75 -20.71
N PRO G 56 -9.31 -7.06 -19.48
CA PRO G 56 -9.06 -8.48 -19.14
C PRO G 56 -10.25 -9.43 -19.24
N ARG G 57 -11.51 -8.99 -19.03
CA ARG G 57 -12.66 -9.90 -19.14
C ARG G 57 -12.72 -10.54 -20.55
N ILE G 58 -12.43 -9.73 -21.58
CA ILE G 58 -12.43 -10.18 -22.98
C ILE G 58 -11.28 -11.14 -23.26
N VAL G 59 -10.12 -10.89 -22.64
CA VAL G 59 -8.96 -11.79 -22.82
C VAL G 59 -9.24 -13.14 -22.15
N LEU G 60 -9.85 -13.13 -20.95
CA LEU G 60 -10.21 -14.36 -20.25
C LEU G 60 -11.15 -15.22 -21.11
N ASP G 61 -12.16 -14.59 -21.74
CA ASP G 61 -13.10 -15.27 -22.62
C ASP G 61 -12.35 -15.94 -23.79
N LYS G 62 -11.40 -15.23 -24.42
CA LYS G 62 -10.62 -15.76 -25.54
C LYS G 62 -9.73 -16.92 -25.10
N LEU G 63 -9.13 -16.80 -23.92
CA LEU G 63 -8.24 -17.85 -23.39
C LEU G 63 -9.00 -19.12 -23.02
N GLU G 64 -10.26 -19.00 -22.60
CA GLU G 64 -11.08 -20.17 -22.29
C GLU G 64 -11.31 -20.98 -23.59
N ARG G 65 -11.52 -20.28 -24.73
CA ARG G 65 -11.70 -20.97 -26.02
C ARG G 65 -10.44 -21.71 -26.48
N ARG G 66 -9.28 -21.39 -25.92
CA ARG G 66 -8.01 -22.09 -26.16
C ARG G 66 -7.70 -23.17 -25.08
N GLY G 67 -8.63 -23.44 -24.18
CA GLY G 67 -8.45 -24.44 -23.15
C GLY G 67 -7.81 -23.97 -21.85
N PHE G 68 -7.66 -22.63 -21.67
CA PHE G 68 -7.08 -22.12 -20.43
C PHE G 68 -8.14 -21.90 -19.37
N ARG G 69 -7.81 -22.27 -18.14
CA ARG G 69 -8.71 -22.06 -17.01
C ARG G 69 -8.01 -21.15 -15.98
N VAL G 70 -8.76 -20.33 -15.28
CA VAL G 70 -8.23 -19.46 -14.24
C VAL G 70 -7.96 -20.28 -13.00
N LEU G 71 -6.71 -20.30 -12.52
CA LEU G 71 -6.36 -20.96 -11.27
C LEU G 71 -6.43 -19.96 -10.12
N SER G 72 -6.02 -18.72 -10.38
CA SER G 72 -5.99 -17.71 -9.35
C SER G 72 -6.03 -16.30 -9.92
N MET G 73 -6.49 -15.35 -9.12
CA MET G 73 -6.51 -13.93 -9.45
C MET G 73 -6.04 -13.20 -8.20
N THR G 74 -5.09 -12.25 -8.34
CA THR G 74 -4.62 -11.51 -7.19
C THR G 74 -4.26 -10.06 -7.55
N GLY G 75 -4.25 -9.23 -6.54
CA GLY G 75 -3.79 -7.86 -6.69
C GLY G 75 -2.41 -7.72 -6.10
N VAL G 76 -1.56 -6.89 -6.68
CA VAL G 76 -0.23 -6.61 -6.14
C VAL G 76 0.12 -5.19 -6.63
N GLY G 77 0.35 -4.26 -5.71
CA GLY G 77 0.53 -2.85 -6.07
C GLY G 77 -0.76 -2.33 -6.76
N GLN G 78 -0.62 -1.77 -7.95
CA GLN G 78 -1.77 -1.35 -8.76
C GLN G 78 -2.02 -2.30 -9.92
N THR G 79 -1.59 -3.56 -9.79
CA THR G 79 -1.71 -4.55 -10.85
C THR G 79 -2.63 -5.67 -10.44
N LEU G 80 -3.57 -6.03 -11.29
CA LEU G 80 -4.48 -7.15 -11.10
C LEU G 80 -3.93 -8.27 -12.00
N VAL G 81 -3.58 -9.42 -11.43
CA VAL G 81 -2.95 -10.53 -12.15
C VAL G 81 -3.83 -11.78 -12.16
N TRP G 82 -3.88 -12.51 -13.30
CA TRP G 82 -4.57 -13.79 -13.38
C TRP G 82 -3.54 -14.85 -13.72
N CYS G 83 -3.58 -15.99 -13.03
CA CYS G 83 -2.73 -17.12 -13.32
C CYS G 83 -3.63 -18.16 -13.99
N LEU G 84 -3.33 -18.54 -15.22
CA LEU G 84 -4.11 -19.50 -15.98
C LEU G 84 -3.31 -20.78 -16.26
N HIS G 85 -4.02 -21.89 -16.50
CA HIS G 85 -3.38 -23.16 -16.79
C HIS G 85 -4.16 -23.88 -17.90
N LYS G 86 -3.42 -24.54 -18.79
CA LYS G 86 -4.01 -25.29 -19.90
C LYS G 86 -4.74 -26.54 -19.40
N GLU G 87 -5.78 -26.94 -20.12
CA GLU G 87 -6.63 -28.09 -19.87
C GLU G 87 -5.83 -29.35 -19.50
N PRO H 5 25.42 18.45 -5.57
CA PRO H 5 24.76 19.25 -4.52
C PRO H 5 23.57 18.52 -3.91
N TYR H 6 22.78 17.79 -4.73
CA TYR H 6 21.67 17.01 -4.16
C TYR H 6 22.10 15.58 -3.88
N LEU H 7 21.57 15.02 -2.82
CA LEU H 7 21.91 13.67 -2.40
C LEU H 7 20.65 12.94 -1.96
N LEU H 8 20.53 11.67 -2.34
CA LEU H 8 19.39 10.86 -1.94
C LEU H 8 19.93 9.65 -1.19
N ILE H 9 19.42 9.42 0.02
CA ILE H 9 19.76 8.24 0.80
C ILE H 9 18.49 7.51 1.17
N SER H 10 18.59 6.20 1.43
CA SER H 10 17.38 5.43 1.74
C SER H 10 17.66 4.20 2.56
N THR H 11 16.62 3.67 3.20
CA THR H 11 16.69 2.40 3.89
C THR H 11 15.34 1.70 3.69
N GLN H 12 15.32 0.36 3.81
CA GLN H 12 14.08 -0.38 3.65
C GLN H 12 13.67 -1.11 4.91
N ILE H 13 12.37 -1.49 5.01
CA ILE H 13 11.72 -2.32 6.04
C ILE H 13 11.78 -1.74 7.49
N ARG H 14 12.94 -1.33 7.96
CA ARG H 14 13.12 -0.79 9.32
C ARG H 14 14.05 0.42 9.24
N MET H 15 13.76 1.47 9.98
CA MET H 15 14.61 2.66 10.03
C MET H 15 15.82 2.54 10.99
N GLU H 16 15.79 1.65 11.96
CA GLU H 16 16.86 1.54 12.96
C GLU H 16 18.05 0.70 12.52
N VAL H 17 17.92 -0.05 11.42
CA VAL H 17 18.97 -0.93 10.96
C VAL H 17 19.26 -0.65 9.49
N GLY H 18 20.51 -0.82 9.11
CA GLY H 18 20.90 -0.70 7.72
C GLY H 18 20.58 -1.98 6.94
N PRO H 19 21.04 -2.11 5.69
CA PRO H 19 21.86 -1.15 4.94
C PRO H 19 21.13 0.12 4.58
N THR H 20 21.92 1.18 4.38
CA THR H 20 21.44 2.47 3.92
C THR H 20 22.07 2.68 2.56
N MET H 21 21.26 2.93 1.55
CA MET H 21 21.76 3.21 0.19
C MET H 21 22.16 4.67 0.19
N VAL H 22 23.39 4.97 -0.24
CA VAL H 22 23.89 6.34 -0.20
C VAL H 22 24.34 6.90 -1.56
N GLY H 23 24.16 6.15 -2.64
CA GLY H 23 24.53 6.64 -3.96
C GLY H 23 24.29 5.75 -5.15
N ASP H 24 24.32 6.37 -6.32
CA ASP H 24 24.19 5.71 -7.63
C ASP H 24 25.61 5.72 -8.30
N GLU H 25 25.74 5.18 -9.53
CA GLU H 25 27.01 5.11 -10.28
C GLU H 25 27.70 6.47 -10.47
N GLN H 26 26.93 7.55 -10.52
CA GLN H 26 27.50 8.89 -10.72
C GLN H 26 27.69 9.68 -9.43
N SER H 27 27.71 8.98 -8.28
CA SER H 27 27.96 9.64 -7.01
C SER H 27 29.41 10.07 -6.86
N ASP H 28 29.67 11.07 -6.00
CA ASP H 28 30.99 11.58 -5.70
C ASP H 28 31.81 10.45 -5.04
N PRO H 29 32.86 9.96 -5.71
CA PRO H 29 33.64 8.84 -5.14
C PRO H 29 34.29 9.17 -3.79
N GLU H 30 34.72 10.42 -3.61
CA GLU H 30 35.35 10.84 -2.36
C GLU H 30 34.33 10.80 -1.20
N LEU H 31 33.11 11.32 -1.41
CA LEU H 31 32.08 11.30 -0.38
C LEU H 31 31.68 9.84 -0.06
N MET H 32 31.59 8.97 -1.10
CA MET H 32 31.27 7.56 -0.90
C MET H 32 32.34 6.88 -0.03
N GLN H 33 33.62 7.22 -0.28
CA GLN H 33 34.76 6.71 0.46
C GLN H 33 34.74 7.22 1.91
N HIS H 34 34.42 8.51 2.09
CA HIS H 34 34.31 9.12 3.42
C HIS H 34 33.27 8.40 4.29
N LEU H 35 32.13 8.02 3.68
CA LEU H 35 31.07 7.30 4.40
C LEU H 35 31.38 5.81 4.64
N GLY H 36 32.40 5.28 3.99
CA GLY H 36 32.74 3.86 4.09
C GLY H 36 31.83 2.99 3.25
N ALA H 37 31.31 3.56 2.14
CA ALA H 37 30.39 2.85 1.27
C ALA H 37 31.05 1.82 0.37
N SER H 38 30.32 0.75 0.18
CA SER H 38 30.66 -0.37 -0.67
C SER H 38 29.83 -0.26 -1.96
N LYS H 39 30.44 -0.57 -3.10
CA LYS H 39 29.76 -0.49 -4.39
C LYS H 39 29.28 -1.88 -4.78
N ARG H 40 28.05 -2.01 -5.33
CA ARG H 40 27.54 -3.31 -5.73
C ARG H 40 26.44 -3.21 -6.80
N ARG H 41 26.23 -4.29 -7.55
CA ARG H 41 25.14 -4.34 -8.50
C ARG H 41 24.19 -5.39 -7.96
N ALA H 42 23.05 -4.98 -7.40
CA ALA H 42 22.08 -5.90 -6.82
C ALA H 42 21.52 -6.89 -7.84
N LEU H 43 21.07 -8.05 -7.37
CA LEU H 43 20.51 -9.11 -8.19
C LEU H 43 19.35 -8.59 -9.07
N GLY H 44 19.48 -8.82 -10.38
CA GLY H 44 18.49 -8.41 -11.35
C GLY H 44 18.49 -6.93 -11.70
N ASN H 45 19.51 -6.17 -11.27
CA ASN H 45 19.60 -4.74 -11.58
C ASN H 45 20.64 -4.50 -12.68
N ASN H 46 20.42 -3.49 -13.52
CA ASN H 46 21.39 -3.15 -14.57
C ASN H 46 22.15 -1.87 -14.20
N PHE H 47 22.38 -1.65 -12.90
CA PHE H 47 23.07 -0.47 -12.43
C PHE H 47 23.74 -0.72 -11.08
N TYR H 48 24.74 0.08 -10.77
CA TYR H 48 25.46 -0.02 -9.53
C TYR H 48 24.91 0.94 -8.49
N GLU H 49 25.14 0.61 -7.23
CA GLU H 49 24.67 1.42 -6.12
C GLU H 49 25.65 1.33 -4.97
N TYR H 50 25.74 2.39 -4.20
CA TYR H 50 26.58 2.48 -3.04
C TYR H 50 25.73 2.29 -1.80
N TYR H 51 26.27 1.58 -0.82
CA TYR H 51 25.57 1.34 0.41
C TYR H 51 26.54 1.26 1.57
N VAL H 52 26.03 1.50 2.77
CA VAL H 52 26.76 1.35 4.01
C VAL H 52 25.94 0.43 4.92
N ASP H 53 26.59 -0.22 5.88
CA ASP H 53 25.89 -1.06 6.85
C ASP H 53 25.18 -0.27 7.95
N ASP H 54 25.60 0.99 8.18
CA ASP H 54 25.04 1.86 9.19
C ASP H 54 23.57 2.16 9.00
N PRO H 55 22.84 2.34 10.12
CA PRO H 55 21.46 2.80 10.00
C PRO H 55 21.45 4.27 9.52
N PRO H 56 20.33 4.72 8.93
CA PRO H 56 20.30 6.09 8.39
C PRO H 56 20.55 7.25 9.37
N ARG H 57 20.23 7.11 10.68
CA ARG H 57 20.50 8.19 11.65
C ARG H 57 22.01 8.53 11.68
N ILE H 58 22.87 7.51 11.62
CA ILE H 58 24.32 7.65 11.62
C ILE H 58 24.82 8.29 10.32
N VAL H 59 24.23 7.91 9.18
CA VAL H 59 24.59 8.51 7.91
C VAL H 59 24.21 9.99 7.86
N LEU H 60 23.02 10.37 8.42
CA LEU H 60 22.55 11.76 8.46
C LEU H 60 23.53 12.62 9.25
N ASP H 61 24.02 12.09 10.38
CA ASP H 61 24.99 12.77 11.23
C ASP H 61 26.27 13.02 10.48
N LYS H 62 26.75 12.01 9.73
CA LYS H 62 28.00 12.12 8.98
C LYS H 62 27.87 13.12 7.84
N LEU H 63 26.74 13.15 7.18
CA LEU H 63 26.48 14.06 6.08
C LEU H 63 26.41 15.50 6.55
N GLU H 64 25.88 15.75 7.77
CA GLU H 64 25.83 17.11 8.31
C GLU H 64 27.27 17.66 8.47
N ARG H 65 28.20 16.81 8.94
CA ARG H 65 29.60 17.23 9.09
C ARG H 65 30.27 17.54 7.73
N ARG H 66 29.68 17.12 6.62
CA ARG H 66 30.14 17.42 5.26
C ARG H 66 29.35 18.57 4.60
N GLY H 67 28.50 19.24 5.36
CA GLY H 67 27.72 20.37 4.88
C GLY H 67 26.37 20.07 4.28
N PHE H 68 25.88 18.83 4.42
CA PHE H 68 24.57 18.46 3.88
C PHE H 68 23.45 18.69 4.89
N ARG H 69 22.33 19.25 4.41
CA ARG H 69 21.16 19.45 5.24
C ARG H 69 19.96 18.66 4.67
N VAL H 70 19.07 18.18 5.53
CA VAL H 70 17.89 17.43 5.11
C VAL H 70 16.84 18.40 4.61
N LEU H 71 16.42 18.27 3.35
CA LEU H 71 15.35 19.09 2.80
C LEU H 71 14.00 18.38 2.97
N SER H 72 13.98 17.06 2.82
CA SER H 72 12.77 16.28 2.89
C SER H 72 13.03 14.82 3.23
N MET H 73 12.03 14.17 3.81
CA MET H 73 12.05 12.74 4.14
C MET H 73 10.69 12.21 3.75
N THR H 74 10.64 11.06 3.05
CA THR H 74 9.36 10.49 2.66
C THR H 74 9.40 8.97 2.63
N GLY H 75 8.22 8.37 2.68
CA GLY H 75 8.06 6.94 2.54
C GLY H 75 7.52 6.64 1.15
N VAL H 76 7.96 5.55 0.54
CA VAL H 76 7.42 5.10 -0.76
C VAL H 76 7.59 3.59 -0.77
N GLY H 77 6.48 2.85 -0.86
CA GLY H 77 6.54 1.39 -0.70
C GLY H 77 7.06 1.02 0.70
N GLN H 78 8.13 0.24 0.76
CA GLN H 78 8.81 -0.11 2.02
C GLN H 78 10.14 0.63 2.17
N THR H 79 10.29 1.75 1.46
CA THR H 79 11.53 2.52 1.48
C THR H 79 11.32 3.87 2.12
N LEU H 80 12.23 4.23 3.01
CA LEU H 80 12.24 5.54 3.66
C LEU H 80 13.38 6.30 2.96
N VAL H 81 13.09 7.45 2.35
CA VAL H 81 14.05 8.23 1.56
C VAL H 81 14.31 9.59 2.16
N TRP H 82 15.56 10.07 2.12
CA TRP H 82 15.90 11.42 2.54
C TRP H 82 16.48 12.15 1.33
N CYS H 83 16.07 13.39 1.13
CA CYS H 83 16.63 14.26 0.10
C CYS H 83 17.48 15.30 0.83
N LEU H 84 18.76 15.34 0.55
CA LEU H 84 19.70 16.27 1.18
C LEU H 84 20.29 17.25 0.16
N HIS H 85 20.74 18.43 0.64
CA HIS H 85 21.34 19.45 -0.20
C HIS H 85 22.59 20.00 0.49
N LYS H 86 23.68 20.18 -0.24
CA LYS H 86 24.91 20.74 0.29
C LYS H 86 24.84 22.26 0.19
N GLU H 87 25.40 22.98 1.18
CA GLU H 87 25.44 24.45 1.13
C GLU H 87 26.41 24.94 0.04
N PRO I 5 -11.55 -26.79 13.11
CA PRO I 5 -11.91 -26.93 11.69
C PRO I 5 -11.15 -25.90 10.83
N TYR I 6 -11.22 -24.61 11.15
CA TYR I 6 -10.43 -23.60 10.43
C TYR I 6 -9.19 -23.20 11.21
N LEU I 7 -8.12 -22.91 10.47
CA LEU I 7 -6.86 -22.51 11.07
C LEU I 7 -6.24 -21.38 10.27
N LEU I 8 -5.67 -20.37 10.95
CA LEU I 8 -5.03 -19.26 10.28
C LEU I 8 -3.59 -19.22 10.74
N ILE I 9 -2.67 -19.21 9.78
CA ILE I 9 -1.25 -19.05 10.08
C ILE I 9 -0.71 -17.86 9.28
N SER I 10 0.38 -17.25 9.76
CA SER I 10 0.93 -16.09 9.07
C SER I 10 2.40 -15.88 9.32
N THR I 11 3.03 -15.09 8.46
CA THR I 11 4.40 -14.64 8.64
C THR I 11 4.50 -13.22 8.08
N GLN I 12 5.47 -12.42 8.53
CA GLN I 12 5.65 -11.07 8.04
C GLN I 12 6.96 -10.89 7.31
N ILE I 13 7.05 -9.82 6.47
CA ILE I 13 8.25 -9.33 5.76
C ILE I 13 8.85 -10.29 4.75
N ARG I 14 9.17 -11.54 5.14
CA ARG I 14 9.79 -12.53 4.26
C ARG I 14 9.11 -13.87 4.48
N MET I 15 8.90 -14.62 3.41
CA MET I 15 8.25 -15.92 3.51
C MET I 15 9.23 -17.06 3.89
N GLU I 16 10.53 -16.86 3.69
CA GLU I 16 11.54 -17.88 3.94
C GLU I 16 11.96 -18.03 5.39
N VAL I 17 11.60 -17.08 6.24
CA VAL I 17 12.05 -17.07 7.63
C VAL I 17 10.86 -16.87 8.54
N GLY I 18 10.92 -17.48 9.70
CA GLY I 18 9.93 -17.28 10.72
C GLY I 18 10.18 -15.97 11.49
N PRO I 19 9.44 -15.71 12.58
CA PRO I 19 8.43 -16.57 13.18
C PRO I 19 7.16 -16.69 12.34
N THR I 20 6.45 -17.80 12.53
CA THR I 20 5.17 -18.07 11.91
C THR I 20 4.16 -18.08 13.06
N MET I 21 3.13 -17.23 12.96
CA MET I 21 2.08 -17.18 13.97
C MET I 21 1.16 -18.34 13.64
N VAL I 22 0.88 -19.19 14.64
CA VAL I 22 0.10 -20.39 14.45
C VAL I 22 -1.16 -20.49 15.30
N GLY I 23 -1.53 -19.43 16.04
CA GLY I 23 -2.75 -19.44 16.82
C GLY I 23 -3.03 -18.26 17.72
N ASP I 24 -4.29 -18.18 18.20
CA ASP I 24 -4.77 -17.17 19.14
C ASP I 24 -4.94 -17.83 20.52
N GLU I 25 -5.35 -17.09 21.56
CA GLU I 25 -5.54 -17.65 22.90
C GLU I 25 -6.49 -18.84 22.93
N GLN I 26 -7.46 -18.92 22.02
CA GLN I 26 -8.43 -20.02 22.02
C GLN I 26 -8.06 -21.17 21.09
N SER I 27 -6.81 -21.25 20.65
CA SER I 27 -6.36 -22.35 19.78
C SER I 27 -6.30 -23.67 20.52
N ASP I 28 -6.37 -24.80 19.80
CA ASP I 28 -6.27 -26.14 20.35
C ASP I 28 -4.89 -26.30 21.01
N PRO I 29 -4.85 -26.46 22.34
CA PRO I 29 -3.55 -26.58 23.03
C PRO I 29 -2.72 -27.76 22.59
N GLU I 30 -3.36 -28.88 22.26
CA GLU I 30 -2.65 -30.07 21.81
C GLU I 30 -1.98 -29.83 20.44
N LEU I 31 -2.68 -29.20 19.49
CA LEU I 31 -2.11 -28.89 18.17
C LEU I 31 -0.97 -27.88 18.33
N MET I 32 -1.12 -26.90 19.24
CA MET I 32 -0.06 -25.92 19.47
C MET I 32 1.20 -26.61 20.01
N GLN I 33 1.01 -27.59 20.91
CA GLN I 33 2.09 -28.39 21.50
C GLN I 33 2.74 -29.26 20.43
N HIS I 34 1.95 -29.88 19.57
CA HIS I 34 2.44 -30.71 18.46
C HIS I 34 3.36 -29.90 17.53
N LEU I 35 3.00 -28.64 17.23
CA LEU I 35 3.80 -27.78 16.37
C LEU I 35 5.06 -27.20 17.07
N GLY I 36 5.14 -27.33 18.40
CA GLY I 36 6.24 -26.77 19.16
C GLY I 36 6.09 -25.28 19.37
N ALA I 37 4.85 -24.79 19.42
CA ALA I 37 4.55 -23.37 19.56
C ALA I 37 4.68 -22.84 20.97
N SER I 38 5.03 -21.57 21.13
CA SER I 38 5.10 -20.95 22.45
C SER I 38 4.22 -19.69 22.49
N LYS I 39 3.54 -19.48 23.61
CA LYS I 39 2.62 -18.36 23.76
C LYS I 39 3.35 -17.07 24.10
N ARG I 40 3.54 -16.18 23.10
CA ARG I 40 4.22 -14.91 23.38
C ARG I 40 3.43 -13.67 22.95
N ARG I 41 3.66 -12.55 23.65
CA ARG I 41 2.98 -11.29 23.42
C ARG I 41 3.82 -10.36 22.54
N ALA I 42 3.19 -9.67 21.59
CA ALA I 42 3.90 -8.76 20.69
C ALA I 42 4.06 -7.35 21.32
N LEU I 43 5.02 -6.56 20.79
CA LEU I 43 5.24 -5.18 21.25
C LEU I 43 4.06 -4.37 20.75
N GLY I 44 3.34 -3.73 21.67
CA GLY I 44 2.17 -2.95 21.30
C GLY I 44 0.93 -3.76 21.05
N ASN I 45 0.85 -4.93 21.68
CA ASN I 45 -0.25 -5.88 21.59
C ASN I 45 -0.81 -6.12 22.98
N ASN I 46 -2.11 -6.42 23.05
CA ASN I 46 -2.75 -6.71 24.33
C ASN I 46 -3.12 -8.19 24.52
N PHE I 47 -3.17 -8.95 23.42
CA PHE I 47 -3.51 -10.35 23.47
C PHE I 47 -2.30 -11.25 23.32
N TYR I 48 -2.46 -12.51 23.69
CA TYR I 48 -1.39 -13.49 23.56
C TYR I 48 -1.60 -14.19 22.21
N GLU I 49 -0.52 -14.76 21.68
CA GLU I 49 -0.61 -15.50 20.42
C GLU I 49 0.43 -16.60 20.42
N TYR I 50 0.18 -17.62 19.63
CA TYR I 50 1.10 -18.74 19.50
C TYR I 50 1.98 -18.51 18.28
N TYR I 51 3.24 -18.88 18.40
CA TYR I 51 4.17 -18.77 17.31
C TYR I 51 5.20 -19.91 17.34
N VAL I 52 5.79 -20.19 16.18
CA VAL I 52 6.91 -21.11 16.04
C VAL I 52 8.05 -20.36 15.34
N ASP I 53 9.30 -20.81 15.50
CA ASP I 53 10.44 -20.21 14.83
C ASP I 53 10.56 -20.63 13.36
N ASP I 54 9.96 -21.76 13.00
CA ASP I 54 10.00 -22.30 11.65
C ASP I 54 9.40 -21.37 10.61
N PRO I 55 9.94 -21.43 9.37
CA PRO I 55 9.29 -20.70 8.28
C PRO I 55 7.95 -21.37 7.92
N PRO I 56 7.03 -20.62 7.30
CA PRO I 56 5.69 -21.19 7.01
C PRO I 56 5.66 -22.45 6.14
N ARG I 57 6.60 -22.67 5.22
CA ARG I 57 6.58 -23.90 4.40
C ARG I 57 6.63 -25.17 5.31
N ILE I 58 7.45 -25.12 6.37
CA ILE I 58 7.59 -26.22 7.31
C ILE I 58 6.32 -26.43 8.14
N VAL I 59 5.67 -25.33 8.54
CA VAL I 59 4.42 -25.40 9.28
C VAL I 59 3.31 -26.00 8.41
N LEU I 60 3.25 -25.59 7.12
CA LEU I 60 2.26 -26.15 6.21
C LEU I 60 2.42 -27.66 6.06
N ASP I 61 3.68 -28.15 5.96
CA ASP I 61 3.96 -29.58 5.84
C ASP I 61 3.48 -30.32 7.09
N LYS I 62 3.73 -29.77 8.30
CA LYS I 62 3.30 -30.38 9.54
C LYS I 62 1.77 -30.39 9.66
N LEU I 63 1.09 -29.30 9.26
CA LEU I 63 -0.35 -29.20 9.32
C LEU I 63 -1.05 -30.18 8.37
N GLU I 64 -0.41 -30.49 7.21
CA GLU I 64 -0.96 -31.45 6.27
C GLU I 64 -1.02 -32.85 6.93
N ARG I 65 0.04 -33.21 7.69
CA ARG I 65 0.06 -34.50 8.38
C ARG I 65 -1.03 -34.61 9.48
N ARG I 66 -1.60 -33.48 9.90
CA ARG I 66 -2.71 -33.42 10.86
C ARG I 66 -4.10 -33.32 10.19
N GLY I 67 -4.17 -33.44 8.86
CA GLY I 67 -5.41 -33.43 8.10
C GLY I 67 -5.84 -32.07 7.59
N PHE I 68 -4.93 -31.07 7.63
CA PHE I 68 -5.26 -29.73 7.14
C PHE I 68 -4.88 -29.51 5.70
N ARG I 69 -5.72 -28.81 4.99
CA ARG I 69 -5.43 -28.41 3.61
C ARG I 69 -5.49 -26.88 3.49
N VAL I 70 -4.67 -26.31 2.61
CA VAL I 70 -4.68 -24.88 2.36
C VAL I 70 -5.88 -24.55 1.47
N LEU I 71 -6.77 -23.67 1.94
CA LEU I 71 -7.90 -23.21 1.17
C LEU I 71 -7.53 -21.93 0.43
N SER I 72 -6.77 -21.06 1.08
CA SER I 72 -6.41 -19.79 0.51
C SER I 72 -5.12 -19.24 1.12
N MET I 73 -4.44 -18.39 0.37
CA MET I 73 -3.25 -17.68 0.83
C MET I 73 -3.42 -16.24 0.35
N THR I 74 -3.18 -15.26 1.22
CA THR I 74 -3.30 -13.86 0.81
C THR I 74 -2.30 -12.97 1.50
N GLY I 75 -2.03 -11.84 0.88
CA GLY I 75 -1.16 -10.83 1.45
C GLY I 75 -2.02 -9.69 1.93
N VAL I 76 -1.66 -9.13 3.09
CA VAL I 76 -2.35 -7.96 3.64
C VAL I 76 -1.27 -7.15 4.37
N GLY I 77 -1.01 -5.92 3.96
CA GLY I 77 0.09 -5.13 4.53
C GLY I 77 1.42 -5.83 4.23
N GLN I 78 2.19 -6.14 5.27
CA GLN I 78 3.43 -6.91 5.15
C GLN I 78 3.24 -8.33 5.68
N THR I 79 2.00 -8.81 5.77
CA THR I 79 1.71 -10.12 6.30
C THR I 79 1.22 -11.06 5.23
N LEU I 80 1.75 -12.28 5.22
CA LEU I 80 1.33 -13.34 4.31
C LEU I 80 0.52 -14.31 5.18
N VAL I 81 -0.76 -14.52 4.85
CA VAL I 81 -1.67 -15.34 5.66
C VAL I 81 -2.12 -16.58 4.89
N TRP I 82 -2.26 -17.73 5.58
CA TRP I 82 -2.81 -18.93 4.99
C TRP I 82 -4.06 -19.30 5.79
N CYS I 83 -5.13 -19.66 5.08
CA CYS I 83 -6.34 -20.14 5.70
C CYS I 83 -6.37 -21.65 5.42
N LEU I 84 -6.39 -22.46 6.46
CA LEU I 84 -6.42 -23.91 6.35
C LEU I 84 -7.72 -24.49 6.91
N HIS I 85 -8.11 -25.66 6.39
CA HIS I 85 -9.32 -26.32 6.81
C HIS I 85 -9.08 -27.80 6.96
N LYS I 86 -9.71 -28.41 7.97
CA LYS I 86 -9.64 -29.85 8.21
C LYS I 86 -10.95 -30.43 7.70
N GLU I 87 -10.90 -31.55 6.97
CA GLU I 87 -12.13 -32.20 6.49
C GLU I 87 -12.89 -32.93 7.62
N PRO J 5 -7.45 30.66 5.23
CA PRO J 5 -5.98 30.69 5.28
C PRO J 5 -5.35 29.34 4.86
N TYR J 6 -6.01 28.19 5.14
CA TYR J 6 -5.48 26.91 4.65
C TYR J 6 -6.28 26.38 3.45
N LEU J 7 -5.60 25.74 2.54
CA LEU J 7 -6.23 25.21 1.33
C LEU J 7 -5.65 23.83 1.00
N LEU J 8 -6.51 22.89 0.61
CA LEU J 8 -6.07 21.56 0.25
C LEU J 8 -6.49 21.30 -1.18
N ILE J 9 -5.55 20.88 -2.02
CA ILE J 9 -5.83 20.51 -3.40
C ILE J 9 -5.27 19.08 -3.65
N SER J 10 -5.81 18.38 -4.63
CA SER J 10 -5.35 17.02 -4.90
C SER J 10 -5.59 16.55 -6.31
N THR J 11 -4.90 15.49 -6.70
CA THR J 11 -5.13 14.81 -7.97
C THR J 11 -4.90 13.31 -7.74
N GLN J 12 -5.46 12.47 -8.61
CA GLN J 12 -5.27 11.02 -8.49
C GLN J 12 -4.56 10.44 -9.68
N ILE J 13 -3.97 9.23 -9.48
CA ILE J 13 -3.36 8.33 -10.46
C ILE J 13 -2.13 8.91 -11.16
N ARG J 14 -2.23 10.11 -11.76
CA ARG J 14 -1.15 10.77 -12.47
C ARG J 14 -1.13 12.24 -12.09
N MET J 15 0.06 12.79 -11.94
CA MET J 15 0.24 14.19 -11.58
C MET J 15 0.15 15.17 -12.78
N GLU J 16 0.34 14.66 -14.00
CA GLU J 16 0.36 15.49 -15.21
C GLU J 16 -1.00 15.85 -15.74
N VAL J 17 -2.06 15.16 -15.29
CA VAL J 17 -3.40 15.38 -15.82
C VAL J 17 -4.38 15.59 -14.71
N GLY J 18 -5.40 16.37 -14.99
CA GLY J 18 -6.46 16.58 -14.03
C GLY J 18 -7.46 15.41 -14.03
N PRO J 19 -8.61 15.54 -13.36
CA PRO J 19 -9.05 16.70 -12.59
C PRO J 19 -8.24 16.93 -11.32
N THR J 20 -8.24 18.17 -10.86
CA THR J 20 -7.63 18.56 -9.61
C THR J 20 -8.78 18.99 -8.70
N MET J 21 -8.90 18.37 -7.53
CA MET J 21 -9.91 18.75 -6.55
C MET J 21 -9.37 19.99 -5.83
N VAL J 22 -10.16 21.05 -5.77
CA VAL J 22 -9.71 22.32 -5.19
C VAL J 22 -10.55 22.85 -4.03
N GLY J 23 -11.58 22.11 -3.61
CA GLY J 23 -12.39 22.55 -2.49
C GLY J 23 -13.48 21.64 -2.02
N ASP J 24 -13.97 21.91 -0.82
CA ASP J 24 -15.07 21.21 -0.17
C ASP J 24 -16.30 22.15 -0.15
N GLU J 25 -17.42 21.70 0.47
CA GLU J 25 -18.70 22.41 0.61
C GLU J 25 -18.59 23.80 1.24
N GLN J 26 -17.55 24.02 2.05
CA GLN J 26 -17.38 25.29 2.74
C GLN J 26 -16.24 26.15 2.17
N SER J 27 -15.82 25.87 0.92
CA SER J 27 -14.74 26.65 0.31
C SER J 27 -15.19 28.06 -0.07
N ASP J 28 -14.23 28.98 -0.23
CA ASP J 28 -14.50 30.36 -0.63
C ASP J 28 -15.09 30.35 -2.05
N PRO J 29 -16.36 30.77 -2.21
CA PRO J 29 -16.98 30.72 -3.55
C PRO J 29 -16.29 31.60 -4.59
N GLU J 30 -15.75 32.74 -4.16
CA GLU J 30 -15.05 33.63 -5.07
C GLU J 30 -13.75 32.98 -5.59
N LEU J 31 -12.96 32.33 -4.70
CA LEU J 31 -11.72 31.66 -5.12
C LEU J 31 -12.05 30.50 -6.05
N MET J 32 -13.14 29.76 -5.78
CA MET J 32 -13.56 28.67 -6.65
C MET J 32 -13.92 29.20 -8.04
N GLN J 33 -14.61 30.34 -8.10
CA GLN J 33 -14.98 30.98 -9.35
C GLN J 33 -13.74 31.46 -10.09
N HIS J 34 -12.79 32.07 -9.39
CA HIS J 34 -11.53 32.54 -9.97
C HIS J 34 -10.76 31.37 -10.65
N LEU J 35 -10.74 30.19 -10.02
CA LEU J 35 -10.06 29.03 -10.57
C LEU J 35 -10.82 28.35 -11.73
N GLY J 36 -12.08 28.72 -11.93
CA GLY J 36 -12.93 28.11 -12.94
C GLY J 36 -13.44 26.75 -12.50
N ALA J 37 -13.61 26.55 -11.18
CA ALA J 37 -14.04 25.29 -10.61
C ALA J 37 -15.53 25.02 -10.73
N SER J 38 -15.90 23.74 -10.85
CA SER J 38 -17.27 23.30 -10.91
C SER J 38 -17.58 22.40 -9.71
N LYS J 39 -18.86 22.34 -9.32
CA LYS J 39 -19.30 21.47 -8.24
C LYS J 39 -19.70 20.11 -8.82
N ARG J 40 -19.40 19.03 -8.10
CA ARG J 40 -19.74 17.70 -8.57
C ARG J 40 -19.74 16.70 -7.45
N ARG J 41 -20.91 16.19 -7.06
CA ARG J 41 -20.99 15.14 -6.06
C ARG J 41 -20.59 13.86 -6.79
N ALA J 42 -19.56 13.16 -6.31
CA ALA J 42 -19.04 11.98 -6.98
C ALA J 42 -19.69 10.69 -6.50
N LEU J 43 -19.59 9.61 -7.33
CA LEU J 43 -20.15 8.31 -7.01
C LEU J 43 -19.60 7.75 -5.69
N GLY J 44 -20.52 7.34 -4.83
CA GLY J 44 -20.16 6.83 -3.52
C GLY J 44 -19.92 7.92 -2.49
N ASN J 45 -20.31 9.17 -2.81
CA ASN J 45 -20.11 10.31 -1.94
C ASN J 45 -21.42 11.02 -1.59
N ASN J 46 -21.43 11.58 -0.39
CA ASN J 46 -22.52 12.33 0.20
C ASN J 46 -22.27 13.85 0.06
N PHE J 47 -21.02 14.25 0.15
CA PHE J 47 -20.55 15.63 0.08
C PHE J 47 -20.31 16.09 -1.36
N TYR J 48 -20.26 17.41 -1.54
CA TYR J 48 -19.94 18.00 -2.82
C TYR J 48 -18.45 18.40 -2.80
N GLU J 49 -17.86 18.46 -3.97
CA GLU J 49 -16.47 18.90 -4.10
C GLU J 49 -16.35 19.84 -5.27
N TYR J 50 -15.38 20.72 -5.19
CA TYR J 50 -15.03 21.58 -6.28
C TYR J 50 -13.85 20.97 -7.02
N TYR J 51 -13.86 21.09 -8.34
CA TYR J 51 -12.78 20.55 -9.14
C TYR J 51 -12.54 21.41 -10.38
N VAL J 52 -11.34 21.30 -10.95
CA VAL J 52 -11.00 21.92 -12.21
C VAL J 52 -10.43 20.82 -13.12
N ASP J 53 -10.46 21.01 -14.44
CA ASP J 53 -9.88 20.05 -15.38
C ASP J 53 -8.36 20.16 -15.47
N ASP J 54 -7.78 21.30 -15.09
CA ASP J 54 -6.35 21.55 -15.14
C ASP J 54 -5.55 20.60 -14.28
N PRO J 55 -4.32 20.28 -14.74
CA PRO J 55 -3.41 19.50 -13.88
C PRO J 55 -2.97 20.35 -12.68
N PRO J 56 -2.54 19.71 -11.59
CA PRO J 56 -2.17 20.48 -10.37
C PRO J 56 -1.06 21.52 -10.52
N ARG J 57 -0.08 21.36 -11.44
CA ARG J 57 0.97 22.38 -11.62
C ARG J 57 0.36 23.76 -11.99
N ILE J 58 -0.66 23.74 -12.85
CA ILE J 58 -1.35 24.95 -13.28
C ILE J 58 -2.17 25.57 -12.14
N VAL J 59 -2.78 24.74 -11.29
CA VAL J 59 -3.53 25.22 -10.13
C VAL J 59 -2.58 25.86 -9.10
N LEU J 60 -1.40 25.24 -8.88
CA LEU J 60 -0.42 25.80 -7.96
C LEU J 60 0.04 27.19 -8.43
N ASP J 61 0.26 27.35 -9.73
CA ASP J 61 0.66 28.64 -10.31
C ASP J 61 -0.42 29.70 -10.07
N LYS J 62 -1.69 29.35 -10.31
CA LYS J 62 -2.81 30.27 -10.09
C LYS J 62 -2.95 30.64 -8.62
N LEU J 63 -2.77 29.67 -7.71
CA LEU J 63 -2.89 29.91 -6.26
C LEU J 63 -1.78 30.82 -5.72
N GLU J 64 -0.57 30.74 -6.31
CA GLU J 64 0.52 31.61 -5.92
C GLU J 64 0.14 33.08 -6.20
N ARG J 65 -0.52 33.34 -7.34
CA ARG J 65 -0.94 34.70 -7.69
C ARG J 65 -2.01 35.26 -6.72
N ARG J 66 -2.69 34.37 -5.96
CA ARG J 66 -3.65 34.74 -4.93
C ARG J 66 -3.01 34.77 -3.50
N GLY J 67 -1.69 34.63 -3.40
CA GLY J 67 -0.99 34.70 -2.13
C GLY J 67 -0.84 33.39 -1.37
N PHE J 68 -1.11 32.26 -2.04
CA PHE J 68 -0.95 30.96 -1.38
C PHE J 68 0.42 30.40 -1.63
N ARG J 69 1.01 29.80 -0.60
CA ARG J 69 2.28 29.11 -0.73
C ARG J 69 2.12 27.62 -0.37
N VAL J 70 2.90 26.72 -0.99
CA VAL J 70 2.85 25.30 -0.65
C VAL J 70 3.61 25.06 0.65
N LEU J 71 2.93 24.51 1.64
CA LEU J 71 3.56 24.14 2.90
C LEU J 71 4.02 22.68 2.85
N SER J 72 3.22 21.83 2.18
CA SER J 72 3.52 20.41 2.14
C SER J 72 2.85 19.73 0.96
N MET J 73 3.45 18.63 0.53
CA MET J 73 2.88 17.76 -0.53
C MET J 73 3.05 16.33 -0.03
N THR J 74 2.02 15.51 -0.15
CA THR J 74 2.11 14.11 0.28
C THR J 74 1.30 13.18 -0.58
N GLY J 75 1.67 11.91 -0.56
CA GLY J 75 0.91 10.86 -1.22
C GLY J 75 0.10 10.09 -0.20
N VAL J 76 -1.09 9.65 -0.55
CA VAL J 76 -1.93 8.83 0.34
C VAL J 76 -2.79 7.98 -0.60
N GLY J 77 -2.64 6.66 -0.55
CA GLY J 77 -3.32 5.79 -1.54
C GLY J 77 -2.86 6.13 -2.95
N GLN J 78 -3.82 6.45 -3.86
CA GLN J 78 -3.48 6.93 -5.20
C GLN J 78 -3.72 8.42 -5.35
N THR J 79 -3.70 9.17 -4.23
CA THR J 79 -3.95 10.60 -4.23
C THR J 79 -2.70 11.38 -3.88
N LEU J 80 -2.41 12.41 -4.62
CA LEU J 80 -1.29 13.32 -4.36
C LEU J 80 -1.98 14.60 -3.82
N VAL J 81 -1.65 15.02 -2.60
CA VAL J 81 -2.28 16.17 -1.95
C VAL J 81 -1.29 17.29 -1.69
N TRP J 82 -1.72 18.56 -1.85
CA TRP J 82 -0.92 19.73 -1.50
C TRP J 82 -1.65 20.51 -0.41
N CYS J 83 -0.92 20.93 0.60
CA CYS J 83 -1.45 21.78 1.66
C CYS J 83 -0.87 23.19 1.43
N LEU J 84 -1.72 24.16 1.20
CA LEU J 84 -1.32 25.53 0.95
C LEU J 84 -1.75 26.48 2.07
N HIS J 85 -1.02 27.59 2.23
CA HIS J 85 -1.28 28.57 3.29
C HIS J 85 -1.13 29.96 2.73
N LYS J 86 -2.10 30.83 3.02
CA LYS J 86 -2.06 32.19 2.53
C LYS J 86 -1.15 33.04 3.39
N GLU J 87 -0.37 33.92 2.75
CA GLU J 87 0.57 34.81 3.43
C GLU J 87 -0.15 35.89 4.28
#